data_8G79
#
_entry.id   8G79
#
_cell.length_a   1.00
_cell.length_b   1.00
_cell.length_c   1.00
_cell.angle_alpha   90.00
_cell.angle_beta   90.00
_cell.angle_gamma   90.00
#
_symmetry.space_group_name_H-M   'P 1'
#
loop_
_entity.id
_entity.type
_entity.pdbx_description
1 polymer 'Spike glycoprotein'
2 polymer Nanosota-4
3 polymer Nanosota-3
#
loop_
_entity_poly.entity_id
_entity_poly.type
_entity_poly.pdbx_seq_one_letter_code
_entity_poly.pdbx_strand_id
1 'polypeptide(L)'
;QCVNLTTRTQLPPAYTNSFTRGVYYPDKVFRSSVLHSTQDLFLPFFSNVTWFHAIHVSGTNGTKRFDNPVLPFNDGVYFA
STEKSNIIRGWIFGTTLDSKTQSLLIVNNATNVVIKVCEFQFCNDPFLGVYYHKNNKSWMESEFRVYSSANNCTFEYVSQ
PFLMDLEGKQGNFKNLREFVFKNIDGYFKIYSKHTPINLVRDLPQGFSALEPLVDLPIGINITRFQTLLALHRSYLTPGD
SSSGWTAGAAAYYVGYLQPRTFLLKYNENGTITDAVDCALDPLSETKCTLKSFTVEKGIYQTSNFRVQPTESIVRFPNIT
NLCPFGEVFNATRFASVYAWNRKRISNCVADYSVLYNSASFSTFKCYGVSPTKLNDLCFTNVYADSFVIRGDEVRQIAPG
QTGKIADYNYKLPDDFTGCVIAWNSNNLDSKVGGNYNYLYRLFRKSNLKPFERDISTEIYQAGSTPCNGVEGFNCYFPLQ
SYGFQPTNGVGYQPYRVVVLSFELLHAPATVCGPKKSTNLVKNKCVNFNFNGLTGTGVLTESNKKFLPFQQFGRDIADTT
DAVRDPQTLEILDITPCSFGGVSVITPGTNTSNQVAVLYQGVNCTEVPVAIHADQLTPTWRVYSTGSNVFQTRAGCLIGA
EHVNNSYECDIPIGAGICASYQTQTNSPAGARSVASQSIIAYTMSLGAENSVAYSNNSIAIPTNFTISVTTEILPVSMTK
TSVDCTMYICGDSTECSNLLLQYGSFCTQLNRALTGIAVEQDKNTQEVFAQVKQIYKTPPIKDFGGFNFSQILPDPSKPS
KRSPIEDLLFNKVTLADAGFIKQYGDCLGDIAARDLICAQKFNGLTVLPPLLTDEMIAQYTSALLAGTITSGWTFGAGPA
LQIPFPMQMAYRFNGIGVTQNVLYENQKLIANQFNSAIGKIQDSLSSTPSALGKLQDVVNQNAQALNTLVKQLSSNFGAI
SSVLNDILSRLDPPEAEVQIDRLITGRLQSLQTYVTQQLIRAAEIRASANLAATKMSECVLGQSKRVDFCGKGYHLMSFP
QSAPHGVVFLHVTYVPAQEKNFTTAPAICHDGKAHFPREGVFVSNGTHWFVTQRNFYEPQIITTDNTFVSGNCDVVIGIV
NNTVYDPLQPELDSFKEELDKYFKNHTSPDVDLGDISGINASVVNIQKEIDRLNEVAKNLNESLIDLQELGKYEQYIKGS
GYIPEAPRDGQAYVRKDGEWVLLSTFLGHHHHHH
;
A,B,D
2 'polypeptide(L)'
;QVQLQESGGGLVQPGGSLRLSCAASGFTLDYYAIGWFRQAPGKEREGVSCISSSGGRTNYADSVKGRFTISRDNTKNTVY
LQMNSLKPEDTAVYYCAAWEASRWYCPLQFSADFSSWGQGTQVTVSSGGQHHHHHHGAYPYDVPDYAS
;
N
3 'polypeptide(L)'
;QVQLQESGGGLVQAGGSLRLSCAASGSIFSPNTMGWFRQALGKQREMVAVISSIASTQYANFVKGRFTITRDNTKNTVHL
QMNSLIPEDTAVYYCYAVDKSQDYWGQGTQVTVSSGGQHHHHHHGAYPYDVPDYAS
;
O,M
#
# COMPACT_ATOMS: atom_id res chain seq x y z
N ASN A 318 -37.86 6.17 40.49
CA ASN A 318 -38.17 6.35 41.90
C ASN A 318 -36.98 5.91 42.77
N ILE A 319 -35.74 6.13 42.26
CA ILE A 319 -34.51 5.71 42.91
C ILE A 319 -33.74 6.92 43.44
N THR A 320 -32.71 6.63 44.23
CA THR A 320 -31.85 7.66 44.80
C THR A 320 -30.42 7.62 44.29
N ASN A 321 -29.93 6.46 43.87
CA ASN A 321 -28.51 6.30 43.57
C ASN A 321 -28.16 6.97 42.24
N LEU A 322 -26.91 7.43 42.14
CA LEU A 322 -26.37 8.02 40.92
C LEU A 322 -25.10 7.28 40.51
N CYS A 323 -24.77 7.38 39.23
CA CYS A 323 -23.57 6.67 38.78
C CYS A 323 -22.35 7.58 38.85
N PRO A 324 -21.21 7.05 39.28
CA PRO A 324 -19.97 7.82 39.21
C PRO A 324 -19.43 7.94 37.80
N PHE A 325 -20.12 8.72 36.96
CA PHE A 325 -19.67 8.90 35.59
C PHE A 325 -18.30 9.56 35.54
N GLY A 326 -18.07 10.57 36.38
CA GLY A 326 -16.76 11.19 36.44
C GLY A 326 -15.68 10.24 36.91
N GLU A 327 -15.99 9.44 37.94
CA GLU A 327 -15.01 8.47 38.43
C GLU A 327 -14.67 7.44 37.35
N VAL A 328 -15.68 6.93 36.67
CA VAL A 328 -15.44 5.89 35.67
C VAL A 328 -14.68 6.44 34.47
N PHE A 329 -15.13 7.59 33.95
CA PHE A 329 -14.55 8.13 32.73
C PHE A 329 -13.24 8.86 32.99
N ASN A 330 -13.28 9.89 33.84
CA ASN A 330 -12.10 10.69 34.13
C ASN A 330 -10.95 9.88 34.71
N ALA A 331 -11.18 8.62 35.07
CA ALA A 331 -10.10 7.75 35.52
C ALA A 331 -9.03 7.63 34.44
N THR A 332 -7.78 7.82 34.83
CA THR A 332 -6.69 7.78 33.86
C THR A 332 -6.52 6.38 33.27
N ARG A 333 -6.75 5.35 34.07
CA ARG A 333 -6.51 3.98 33.61
C ARG A 333 -7.52 3.58 32.55
N PHE A 334 -7.05 3.47 31.30
CA PHE A 334 -7.82 2.90 30.20
C PHE A 334 -7.06 1.74 29.58
N ALA A 335 -7.80 0.69 29.27
CA ALA A 335 -7.27 -0.57 28.77
C ALA A 335 -6.85 -0.48 27.31
N SER A 336 -6.30 -1.59 26.82
CA SER A 336 -6.01 -1.77 25.42
C SER A 336 -7.27 -2.22 24.67
N VAL A 337 -7.08 -2.60 23.41
CA VAL A 337 -8.21 -2.98 22.56
C VAL A 337 -8.56 -4.45 22.72
N TYR A 338 -7.57 -5.33 22.82
CA TYR A 338 -7.83 -6.75 22.99
C TYR A 338 -8.36 -7.05 24.39
N ALA A 339 -7.99 -6.23 25.36
CA ALA A 339 -8.34 -6.43 26.76
C ALA A 339 -9.04 -5.16 27.23
N TRP A 340 -10.00 -4.68 26.44
CA TRP A 340 -10.77 -3.50 26.78
C TRP A 340 -11.50 -3.72 28.10
N ASN A 341 -11.75 -2.63 28.82
CA ASN A 341 -12.31 -2.77 30.16
C ASN A 341 -13.80 -2.46 30.15
N ARG A 342 -14.56 -3.25 30.91
CA ARG A 342 -16.01 -3.24 30.87
C ARG A 342 -16.57 -2.89 32.24
N LYS A 343 -17.66 -2.13 32.25
CA LYS A 343 -18.36 -1.76 33.47
C LYS A 343 -19.85 -2.00 33.30
N ARG A 344 -20.47 -2.59 34.33
CA ARG A 344 -21.90 -2.89 34.39
C ARG A 344 -22.55 -1.91 35.35
N ILE A 345 -23.33 -0.97 34.79
CA ILE A 345 -23.87 0.16 35.55
C ILE A 345 -25.38 0.00 35.64
N SER A 346 -25.91 0.18 36.86
CA SER A 346 -27.32 0.00 37.15
C SER A 346 -27.68 0.77 38.41
N ASN A 347 -28.99 0.92 38.64
CA ASN A 347 -29.60 1.51 39.83
C ASN A 347 -29.24 2.98 39.99
N CYS A 348 -28.74 3.62 38.95
CA CYS A 348 -28.12 4.94 39.07
C CYS A 348 -28.94 6.01 38.35
N VAL A 349 -29.07 7.17 39.00
CA VAL A 349 -29.67 8.35 38.36
C VAL A 349 -28.62 8.96 37.45
N ALA A 350 -28.96 9.08 36.16
CA ALA A 350 -28.01 9.47 35.14
C ALA A 350 -28.33 10.85 34.58
N ASP A 351 -27.27 11.53 34.13
CA ASP A 351 -27.35 12.83 33.46
C ASP A 351 -26.26 12.82 32.39
N TYR A 352 -26.65 12.49 31.16
CA TYR A 352 -25.71 12.47 30.04
C TYR A 352 -25.72 13.74 29.21
N SER A 353 -26.56 14.71 29.53
CA SER A 353 -26.52 15.98 28.81
C SER A 353 -25.17 16.65 28.97
N VAL A 354 -24.63 16.64 30.20
CA VAL A 354 -23.32 17.23 30.45
C VAL A 354 -22.24 16.51 29.64
N LEU A 355 -22.28 15.18 29.63
CA LEU A 355 -21.30 14.42 28.86
C LEU A 355 -21.42 14.72 27.38
N TYR A 356 -22.64 14.96 26.90
CA TYR A 356 -22.85 15.28 25.50
C TYR A 356 -22.14 16.57 25.12
N ASN A 357 -22.40 17.62 25.91
CA ASN A 357 -21.78 18.94 25.63
C ASN A 357 -20.34 18.93 26.14
N SER A 358 -19.96 17.88 26.88
CA SER A 358 -18.56 17.77 27.37
C SER A 358 -17.60 18.03 26.21
N ALA A 359 -17.93 17.56 25.00
CA ALA A 359 -17.10 17.78 23.79
C ALA A 359 -15.77 17.02 23.91
N SER A 360 -15.15 17.01 25.09
CA SER A 360 -13.89 16.23 25.29
C SER A 360 -13.92 15.00 24.40
N PHE A 361 -14.92 14.12 24.61
CA PHE A 361 -15.07 12.94 23.72
C PHE A 361 -15.36 13.43 22.30
N SER A 362 -14.32 13.83 21.57
CA SER A 362 -14.49 14.40 20.21
C SER A 362 -15.56 13.63 19.43
N THR A 363 -15.50 12.29 19.41
CA THR A 363 -16.44 11.52 18.56
C THR A 363 -17.79 11.32 19.25
N PHE A 364 -18.88 11.32 18.48
CA PHE A 364 -20.22 11.08 19.02
C PHE A 364 -21.00 10.36 17.92
N LYS A 365 -21.08 9.03 17.95
CA LYS A 365 -21.95 8.32 17.01
C LYS A 365 -22.84 7.35 17.80
N CYS A 366 -24.11 7.69 17.93
CA CYS A 366 -25.05 6.91 18.71
C CYS A 366 -26.07 6.25 17.80
N TYR A 367 -26.31 4.96 18.03
CA TYR A 367 -27.11 4.12 17.16
C TYR A 367 -28.25 3.50 17.94
N GLY A 368 -29.43 3.47 17.32
CA GLY A 368 -30.64 3.02 17.95
C GLY A 368 -31.43 4.11 18.64
N VAL A 369 -30.86 5.30 18.78
CA VAL A 369 -31.49 6.41 19.47
C VAL A 369 -30.72 7.68 19.14
N SER A 370 -31.43 8.78 18.98
CA SER A 370 -30.75 10.07 18.91
C SER A 370 -30.30 10.48 20.31
N PRO A 371 -29.09 10.99 20.47
CA PRO A 371 -28.57 11.27 21.82
C PRO A 371 -29.43 12.25 22.61
N THR A 372 -30.14 13.14 21.92
CA THR A 372 -30.98 14.11 22.62
C THR A 372 -32.10 13.43 23.39
N LYS A 373 -32.89 12.59 22.71
CA LYS A 373 -33.97 11.89 23.40
C LYS A 373 -33.44 10.84 24.35
N LEU A 374 -32.18 10.43 24.20
CA LEU A 374 -31.60 9.42 25.08
C LEU A 374 -31.57 9.89 26.53
N ASN A 375 -31.39 11.20 26.75
CA ASN A 375 -31.13 11.70 28.10
C ASN A 375 -32.24 11.34 29.08
N ASP A 376 -33.49 11.62 28.72
CA ASP A 376 -34.59 11.32 29.63
C ASP A 376 -34.97 9.85 29.64
N LEU A 377 -34.45 9.06 28.71
CA LEU A 377 -34.87 7.66 28.59
C LEU A 377 -34.45 6.84 29.79
N CYS A 378 -35.14 5.71 29.95
CA CYS A 378 -34.78 4.69 30.92
C CYS A 378 -33.99 3.59 30.21
N PHE A 379 -33.07 2.95 30.95
CA PHE A 379 -32.22 1.91 30.38
C PHE A 379 -32.12 0.74 31.34
N THR A 380 -32.24 -0.47 30.80
CA THR A 380 -32.22 -1.68 31.62
C THR A 380 -30.88 -1.85 32.33
N ASN A 381 -29.79 -1.73 31.58
CA ASN A 381 -28.45 -1.94 32.12
C ASN A 381 -27.47 -1.25 31.19
N VAL A 382 -26.31 -0.88 31.74
CA VAL A 382 -25.31 -0.13 31.00
C VAL A 382 -24.03 -0.94 30.95
N TYR A 383 -23.46 -1.09 29.76
CA TYR A 383 -22.10 -1.61 29.64
C TYR A 383 -21.21 -0.56 29.01
N ALA A 384 -20.20 -0.13 29.76
CA ALA A 384 -19.23 0.84 29.29
C ALA A 384 -17.96 0.06 28.95
N ASP A 385 -17.51 0.15 27.71
CA ASP A 385 -16.35 -0.59 27.24
C ASP A 385 -15.34 0.43 26.74
N SER A 386 -14.22 0.56 27.45
CA SER A 386 -13.25 1.60 27.14
C SER A 386 -11.90 1.01 26.79
N PHE A 387 -11.14 1.81 26.05
CA PHE A 387 -9.83 1.44 25.52
C PHE A 387 -9.18 2.69 24.94
N VAL A 388 -8.01 2.51 24.36
CA VAL A 388 -7.30 3.55 23.62
C VAL A 388 -6.92 2.99 22.25
N ILE A 389 -7.12 3.80 21.20
CA ILE A 389 -6.93 3.32 19.83
C ILE A 389 -6.06 4.29 19.06
N ARG A 390 -5.43 3.78 18.01
CA ARG A 390 -4.76 4.62 17.04
C ARG A 390 -5.78 5.44 16.26
N GLY A 391 -5.32 6.56 15.69
CA GLY A 391 -6.24 7.51 15.07
C GLY A 391 -6.96 6.96 13.85
N ASP A 392 -6.23 6.27 12.97
CA ASP A 392 -6.81 5.86 11.70
C ASP A 392 -7.79 4.71 11.84
N GLU A 393 -7.66 3.89 12.89
CA GLU A 393 -8.41 2.66 13.02
C GLU A 393 -9.82 2.86 13.56
N VAL A 394 -10.19 4.10 13.90
CA VAL A 394 -11.47 4.34 14.55
C VAL A 394 -12.63 3.90 13.66
N ARG A 395 -12.51 4.10 12.35
CA ARG A 395 -13.59 3.76 11.44
C ARG A 395 -13.93 2.28 11.48
N GLN A 396 -12.98 1.43 11.89
CA GLN A 396 -13.24 0.00 11.97
C GLN A 396 -14.23 -0.34 13.07
N ILE A 397 -14.51 0.60 13.98
CA ILE A 397 -15.42 0.35 15.11
C ILE A 397 -16.78 0.91 14.71
N ALA A 398 -17.67 0.01 14.32
CA ALA A 398 -19.06 0.36 14.04
C ALA A 398 -19.87 -0.93 13.96
N PRO A 399 -21.19 -0.86 14.16
CA PRO A 399 -22.02 -2.04 13.89
C PRO A 399 -21.93 -2.41 12.42
N GLY A 400 -21.76 -3.71 12.17
CA GLY A 400 -21.62 -4.19 10.80
C GLY A 400 -20.42 -3.60 10.07
N GLN A 401 -19.31 -3.43 10.77
CA GLN A 401 -18.13 -2.78 10.22
C GLN A 401 -16.98 -3.77 10.12
N THR A 402 -16.15 -3.59 9.09
CA THR A 402 -14.97 -4.41 8.87
C THR A 402 -13.73 -3.68 9.38
N GLY A 403 -12.58 -4.30 9.18
CA GLY A 403 -11.32 -3.78 9.67
C GLY A 403 -10.56 -4.80 10.48
N LYS A 404 -9.26 -4.56 10.60
CA LYS A 404 -8.41 -5.52 11.30
C LYS A 404 -8.76 -5.60 12.78
N ILE A 405 -9.12 -4.47 13.39
CA ILE A 405 -9.64 -4.51 14.77
C ILE A 405 -11.02 -5.14 14.81
N ALA A 406 -11.89 -4.75 13.88
CA ALA A 406 -13.26 -5.27 13.89
C ALA A 406 -13.28 -6.79 13.71
N ASP A 407 -12.47 -7.28 12.78
CA ASP A 407 -12.42 -8.72 12.49
C ASP A 407 -11.38 -9.46 13.33
N TYR A 408 -10.55 -8.76 14.08
CA TYR A 408 -9.43 -9.39 14.77
C TYR A 408 -9.19 -8.92 16.19
N ASN A 409 -9.80 -7.83 16.65
CA ASN A 409 -9.71 -7.42 18.05
C ASN A 409 -11.06 -7.33 18.74
N TYR A 410 -12.03 -6.66 18.12
CA TYR A 410 -13.31 -6.41 18.77
C TYR A 410 -14.37 -6.12 17.71
N LYS A 411 -15.41 -6.94 17.66
CA LYS A 411 -16.47 -6.81 16.67
C LYS A 411 -17.76 -6.36 17.37
N LEU A 412 -18.39 -5.34 16.82
CA LEU A 412 -19.70 -4.89 17.27
C LEU A 412 -20.79 -5.72 16.59
N PRO A 413 -21.90 -5.98 17.28
CA PRO A 413 -23.05 -6.58 16.60
C PRO A 413 -23.64 -5.61 15.58
N ASP A 414 -24.15 -6.17 14.48
CA ASP A 414 -24.85 -5.34 13.51
C ASP A 414 -26.06 -4.64 14.11
N ASP A 415 -26.59 -5.19 15.20
CA ASP A 415 -27.73 -4.63 15.92
C ASP A 415 -27.31 -3.82 17.14
N PHE A 416 -26.11 -3.25 17.13
CA PHE A 416 -25.59 -2.57 18.30
C PHE A 416 -26.45 -1.36 18.65
N THR A 417 -26.84 -1.27 19.91
CA THR A 417 -27.59 -0.14 20.43
C THR A 417 -26.74 0.56 21.47
N GLY A 418 -26.49 1.85 21.26
CA GLY A 418 -25.60 2.59 22.14
C GLY A 418 -24.74 3.52 21.32
N CYS A 419 -23.77 4.14 21.97
CA CYS A 419 -23.04 5.23 21.34
C CYS A 419 -21.53 5.05 21.50
N VAL A 420 -20.77 5.43 20.48
CA VAL A 420 -19.28 5.38 20.59
C VAL A 420 -18.74 6.80 20.76
N ILE A 421 -17.92 7.02 21.79
CA ILE A 421 -17.34 8.37 22.05
C ILE A 421 -15.82 8.24 22.21
N ALA A 422 -15.06 9.21 21.71
CA ALA A 422 -13.58 9.10 21.77
C ALA A 422 -12.91 10.48 21.88
N TRP A 423 -11.77 10.54 22.55
CA TRP A 423 -11.01 11.82 22.67
C TRP A 423 -9.54 11.52 22.33
N ASN A 424 -8.75 12.54 21.97
CA ASN A 424 -7.33 12.32 21.54
C ASN A 424 -6.52 11.68 22.66
N SER A 425 -5.82 12.48 23.48
CA SER A 425 -4.98 11.98 24.61
C SER A 425 -3.50 11.90 24.23
N ASN A 426 -3.12 12.37 23.04
CA ASN A 426 -1.69 12.45 22.73
C ASN A 426 -0.88 12.89 23.94
N ASN A 427 -1.35 13.92 24.65
CA ASN A 427 -0.63 14.42 25.82
C ASN A 427 -0.68 13.47 27.00
N LEU A 428 -1.52 12.44 26.95
CA LEU A 428 -1.67 11.50 28.06
C LEU A 428 -1.14 10.12 27.73
N ASP A 429 -1.49 9.56 26.57
CA ASP A 429 -1.16 8.18 26.24
C ASP A 429 0.01 8.05 25.28
N SER A 430 0.50 9.14 24.71
CA SER A 430 1.62 9.08 23.78
C SER A 430 2.89 9.60 24.43
N LYS A 431 3.99 8.86 24.25
CA LYS A 431 5.29 9.23 24.77
C LYS A 431 6.28 9.31 23.62
N VAL A 432 7.22 10.25 23.71
CA VAL A 432 8.18 10.47 22.63
C VAL A 432 8.97 9.20 22.35
N GLY A 433 9.26 8.42 23.38
CA GLY A 433 9.85 7.11 23.20
C GLY A 433 8.87 6.05 22.76
N GLY A 434 7.60 6.40 22.62
CA GLY A 434 6.58 5.46 22.22
C GLY A 434 6.00 4.71 23.39
N ASN A 435 4.67 4.67 23.49
CA ASN A 435 3.97 3.95 24.53
C ASN A 435 3.46 2.64 23.93
N TYR A 436 4.24 1.58 24.10
CA TYR A 436 3.95 0.28 23.50
C TYR A 436 3.20 -0.62 24.48
N ASN A 437 2.54 -0.01 25.46
CA ASN A 437 1.76 -0.75 26.44
C ASN A 437 0.43 -1.24 25.88
N TYR A 438 0.10 -0.86 24.66
CA TYR A 438 -1.17 -1.23 24.03
C TYR A 438 -0.88 -2.20 22.88
N LEU A 439 -1.37 -3.42 23.01
CA LEU A 439 -1.13 -4.48 22.03
C LEU A 439 -2.39 -4.67 21.20
N TYR A 440 -2.21 -5.16 19.98
CA TYR A 440 -3.30 -5.41 19.05
C TYR A 440 -3.12 -6.79 18.42
N ARG A 441 -4.20 -7.58 18.38
CA ARG A 441 -4.15 -8.91 17.77
C ARG A 441 -4.41 -8.76 16.28
N LEU A 442 -3.34 -8.62 15.51
CA LEU A 442 -3.48 -8.61 14.06
C LEU A 442 -3.84 -9.98 13.52
N PHE A 443 -3.46 -11.04 14.24
CA PHE A 443 -3.62 -12.41 13.78
C PHE A 443 -4.60 -13.15 14.68
N ARG A 444 -5.57 -13.83 14.08
CA ARG A 444 -6.52 -14.64 14.82
C ARG A 444 -6.88 -15.87 14.00
N LYS A 445 -7.27 -16.94 14.70
CA LYS A 445 -7.72 -18.14 14.01
C LYS A 445 -9.12 -17.97 13.42
N SER A 446 -9.94 -17.15 14.05
CA SER A 446 -11.31 -16.92 13.59
C SER A 446 -11.64 -15.45 13.71
N ASN A 447 -12.74 -15.06 13.05
CA ASN A 447 -13.23 -13.70 13.15
C ASN A 447 -13.80 -13.44 14.55
N LEU A 448 -14.06 -12.17 14.83
CA LEU A 448 -14.59 -11.76 16.12
C LEU A 448 -16.11 -11.72 16.11
N LYS A 449 -16.69 -12.39 17.09
CA LYS A 449 -18.12 -12.34 17.31
C LYS A 449 -18.47 -11.04 18.01
N PRO A 450 -19.74 -10.63 17.97
CA PRO A 450 -20.15 -9.43 18.72
C PRO A 450 -19.84 -9.57 20.20
N PHE A 451 -19.14 -8.58 20.74
CA PHE A 451 -18.72 -8.57 22.15
C PHE A 451 -17.90 -9.80 22.49
N GLU A 452 -16.79 -9.97 21.77
CA GLU A 452 -15.89 -11.10 21.99
C GLU A 452 -14.54 -10.57 22.47
N ARG A 453 -14.20 -10.89 23.71
CA ARG A 453 -12.87 -10.62 24.27
C ARG A 453 -12.33 -11.96 24.74
N ASP A 454 -11.72 -12.68 23.80
CA ASP A 454 -11.16 -14.01 24.05
C ASP A 454 -9.64 -13.88 23.92
N ILE A 455 -8.98 -13.53 25.03
CA ILE A 455 -7.57 -13.16 24.95
C ILE A 455 -6.74 -14.40 24.68
N SER A 456 -6.31 -14.56 23.43
CA SER A 456 -5.51 -15.69 22.99
C SER A 456 -4.22 -15.17 22.40
N THR A 457 -3.08 -15.68 22.88
CA THR A 457 -1.77 -15.23 22.44
C THR A 457 -1.01 -16.33 21.72
N GLU A 458 -1.69 -17.37 21.27
CA GLU A 458 -1.03 -18.50 20.63
C GLU A 458 -0.28 -18.06 19.38
N ILE A 459 0.94 -18.58 19.21
CA ILE A 459 1.76 -18.25 18.05
C ILE A 459 1.12 -18.89 16.83
N TYR A 460 0.51 -18.07 15.97
CA TYR A 460 -0.17 -18.59 14.81
C TYR A 460 0.82 -19.15 13.80
N GLN A 461 0.43 -20.27 13.19
CA GLN A 461 1.29 -21.00 12.26
C GLN A 461 0.99 -20.49 10.86
N ALA A 462 1.80 -19.54 10.40
CA ALA A 462 1.61 -18.99 9.06
C ALA A 462 1.85 -20.03 7.97
N GLY A 463 2.61 -21.08 8.26
CA GLY A 463 2.86 -22.14 7.33
C GLY A 463 2.23 -23.46 7.76
N SER A 464 2.54 -24.50 6.99
CA SER A 464 2.03 -25.83 7.27
C SER A 464 2.69 -26.49 8.48
N THR A 465 3.92 -26.08 8.80
CA THR A 465 4.62 -26.65 9.94
C THR A 465 3.95 -26.23 11.24
N PRO A 466 3.58 -27.16 12.10
CA PRO A 466 3.03 -26.78 13.42
C PRO A 466 4.12 -26.12 14.26
N CYS A 467 3.90 -24.84 14.58
CA CYS A 467 4.91 -24.07 15.31
C CYS A 467 5.10 -24.57 16.74
N ASN A 468 4.11 -25.25 17.32
CA ASN A 468 4.18 -25.74 18.69
C ASN A 468 4.47 -24.61 19.67
N GLY A 469 3.95 -23.42 19.37
CA GLY A 469 4.21 -22.26 20.20
C GLY A 469 5.62 -21.72 20.12
N VAL A 470 6.34 -22.02 19.05
CA VAL A 470 7.72 -21.59 18.87
C VAL A 470 7.79 -20.70 17.64
N GLU A 471 8.36 -19.50 17.80
CA GLU A 471 8.55 -18.62 16.67
C GLU A 471 9.65 -19.16 15.74
N GLY A 472 9.67 -18.63 14.52
CA GLY A 472 10.62 -19.06 13.53
C GLY A 472 10.09 -18.92 12.12
N PHE A 473 10.27 -19.95 11.29
CA PHE A 473 9.78 -19.92 9.93
C PHE A 473 8.26 -20.03 9.93
N ASN A 474 7.60 -18.96 9.48
CA ASN A 474 6.13 -18.91 9.40
C ASN A 474 5.49 -19.16 10.76
N CYS A 475 5.97 -18.42 11.77
CA CYS A 475 5.45 -18.53 13.14
C CYS A 475 5.43 -17.12 13.72
N TYR A 476 4.28 -16.46 13.61
CA TYR A 476 4.13 -15.07 14.01
C TYR A 476 3.30 -14.94 15.28
N PHE A 477 3.36 -13.75 15.88
CA PHE A 477 2.69 -13.49 17.15
C PHE A 477 1.44 -12.64 16.93
N PRO A 478 0.38 -12.86 17.72
CA PRO A 478 -0.85 -12.06 17.57
C PRO A 478 -0.72 -10.61 18.01
N LEU A 479 -0.15 -10.36 19.17
CA LEU A 479 -0.17 -9.04 19.80
C LEU A 479 1.05 -8.23 19.38
N GLN A 480 0.82 -7.16 18.63
CA GLN A 480 1.85 -6.18 18.30
C GLN A 480 1.54 -4.86 18.95
N SER A 481 2.56 -4.22 19.52
CA SER A 481 2.36 -2.98 20.26
C SER A 481 2.36 -1.79 19.32
N TYR A 482 2.04 -0.62 19.88
CA TYR A 482 1.89 0.60 19.10
C TYR A 482 2.88 1.67 19.57
N GLY A 483 3.39 2.44 18.63
CA GLY A 483 4.36 3.48 18.92
C GLY A 483 3.73 4.84 19.20
N PHE A 484 2.87 4.90 20.21
CA PHE A 484 2.15 6.13 20.52
C PHE A 484 3.11 7.22 21.00
N GLN A 485 3.33 8.22 20.15
CA GLN A 485 4.21 9.33 20.42
C GLN A 485 3.50 10.64 20.15
N PRO A 486 3.90 11.73 20.84
CA PRO A 486 3.40 13.05 20.43
C PRO A 486 3.83 13.41 19.02
N THR A 487 4.93 12.83 18.54
CA THR A 487 5.40 13.04 17.17
C THR A 487 4.58 12.25 16.15
N ASN A 488 3.71 11.36 16.60
CA ASN A 488 2.89 10.57 15.70
C ASN A 488 1.88 11.45 14.97
N GLY A 489 1.49 11.00 13.78
CA GLY A 489 0.37 11.62 13.10
C GLY A 489 -0.94 11.36 13.80
N VAL A 490 -1.92 12.22 13.54
CA VAL A 490 -3.20 12.11 14.22
C VAL A 490 -3.83 10.76 13.95
N GLY A 491 -3.69 10.25 12.73
CA GLY A 491 -4.13 8.91 12.44
C GLY A 491 -3.28 7.82 13.08
N TYR A 492 -2.07 8.16 13.54
CA TYR A 492 -1.18 7.20 14.15
C TYR A 492 -0.98 7.51 15.63
N GLN A 493 -1.87 8.32 16.22
CA GLN A 493 -1.82 8.81 17.59
C GLN A 493 -2.90 8.15 18.45
N PRO A 494 -2.68 8.10 19.77
CA PRO A 494 -3.67 7.46 20.65
C PRO A 494 -4.96 8.27 20.75
N TYR A 495 -6.06 7.55 20.97
CA TYR A 495 -7.38 8.16 21.18
C TYR A 495 -8.11 7.39 22.27
N ARG A 496 -8.59 8.10 23.28
CA ARG A 496 -9.31 7.49 24.40
C ARG A 496 -10.76 7.30 23.98
N VAL A 497 -11.19 6.04 23.86
CA VAL A 497 -12.47 5.70 23.27
C VAL A 497 -13.29 4.90 24.26
N VAL A 498 -14.57 5.23 24.37
CA VAL A 498 -15.52 4.51 25.19
C VAL A 498 -16.77 4.25 24.36
N VAL A 499 -17.27 3.02 24.40
CA VAL A 499 -18.53 2.66 23.77
C VAL A 499 -19.51 2.29 24.88
N LEU A 500 -20.71 2.88 24.82
CA LEU A 500 -21.78 2.58 25.75
C LEU A 500 -22.78 1.70 25.02
N SER A 501 -23.07 0.54 25.60
CA SER A 501 -24.02 -0.41 25.04
C SER A 501 -25.18 -0.57 26.00
N PHE A 502 -26.39 -0.52 25.45
CA PHE A 502 -27.63 -0.63 26.20
C PHE A 502 -28.38 -1.85 25.71
N GLU A 503 -28.55 -2.83 26.59
CA GLU A 503 -29.40 -3.99 26.29
C GLU A 503 -30.81 -3.63 26.73
N LEU A 504 -31.53 -2.96 25.85
CA LEU A 504 -32.87 -2.50 26.17
C LEU A 504 -33.87 -3.63 25.98
N LEU A 505 -33.60 -4.76 26.63
CA LEU A 505 -34.55 -5.86 26.67
C LEU A 505 -35.74 -5.47 27.53
N HIS A 506 -36.78 -6.31 27.48
CA HIS A 506 -37.95 -6.09 28.34
C HIS A 506 -37.65 -6.55 29.76
N ALA A 507 -36.64 -5.92 30.34
CA ALA A 507 -36.29 -5.98 31.74
C ALA A 507 -36.41 -4.58 32.33
N PRO A 508 -36.95 -4.46 33.55
CA PRO A 508 -37.14 -3.12 34.12
C PRO A 508 -35.85 -2.33 34.16
N ALA A 509 -35.97 -1.05 33.84
CA ALA A 509 -34.78 -0.20 33.71
C ALA A 509 -34.21 0.13 35.07
N THR A 510 -32.88 0.18 35.13
CA THR A 510 -32.18 0.57 36.36
C THR A 510 -31.60 1.96 36.28
N VAL A 511 -31.49 2.55 35.09
CA VAL A 511 -30.93 3.87 34.88
C VAL A 511 -31.88 4.66 33.98
N CYS A 512 -32.21 5.87 34.38
CA CYS A 512 -33.26 6.65 33.72
C CYS A 512 -32.87 8.12 33.62
N GLY A 513 -33.80 8.92 33.11
CA GLY A 513 -33.63 10.35 33.05
C GLY A 513 -34.48 11.08 34.08
N PRO A 514 -34.24 12.37 34.24
CA PRO A 514 -34.90 13.19 35.30
C PRO A 514 -36.29 13.73 34.97
N LYS A 515 -37.31 12.91 35.16
CA LYS A 515 -38.68 13.38 35.03
C LYS A 515 -39.59 12.50 35.88
N LYS A 516 -40.70 13.09 36.34
CA LYS A 516 -41.68 12.39 37.16
C LYS A 516 -42.32 11.23 36.40
N ASN B 318 -13.48 -32.54 -14.70
CA ASN B 318 -12.81 -31.48 -15.46
C ASN B 318 -11.73 -32.06 -16.39
N ILE B 319 -10.90 -31.18 -16.95
CA ILE B 319 -9.92 -31.60 -17.94
C ILE B 319 -8.71 -32.22 -17.27
N THR B 320 -8.08 -33.19 -17.95
CA THR B 320 -6.92 -33.91 -17.39
C THR B 320 -5.95 -34.25 -18.52
N ASN B 321 -4.98 -33.37 -18.72
CA ASN B 321 -3.69 -33.68 -19.34
C ASN B 321 -2.63 -33.04 -18.46
N LEU B 322 -1.36 -33.34 -18.71
CA LEU B 322 -0.30 -32.93 -17.80
C LEU B 322 0.66 -31.97 -18.47
N CYS B 323 0.97 -30.87 -17.79
CA CYS B 323 1.91 -29.90 -18.32
C CYS B 323 3.33 -30.46 -18.27
N PRO B 324 4.04 -30.47 -19.40
CA PRO B 324 5.36 -31.15 -19.47
C PRO B 324 6.45 -30.41 -18.71
N PHE B 325 6.36 -30.44 -17.39
CA PHE B 325 7.39 -29.84 -16.55
C PHE B 325 8.69 -30.62 -16.61
N GLY B 326 8.61 -31.95 -16.80
CA GLY B 326 9.82 -32.73 -16.94
C GLY B 326 10.67 -32.29 -18.12
N GLU B 327 10.02 -31.90 -19.21
CA GLU B 327 10.75 -31.32 -20.34
C GLU B 327 11.31 -29.94 -20.05
N VAL B 328 10.91 -29.32 -18.93
CA VAL B 328 11.38 -28.00 -18.56
C VAL B 328 12.32 -28.06 -17.36
N PHE B 329 11.82 -28.53 -16.21
CA PHE B 329 12.66 -28.55 -15.01
C PHE B 329 13.68 -29.67 -15.06
N ASN B 330 13.29 -30.84 -15.55
CA ASN B 330 14.22 -31.93 -15.77
C ASN B 330 14.85 -31.88 -17.17
N ALA B 331 14.75 -30.75 -17.85
CA ALA B 331 15.40 -30.60 -19.15
C ALA B 331 16.90 -30.77 -19.01
N THR B 332 17.48 -31.52 -19.95
CA THR B 332 18.91 -31.81 -19.88
C THR B 332 19.75 -30.54 -20.05
N ARG B 333 19.35 -29.66 -20.96
CA ARG B 333 20.15 -28.49 -21.30
C ARG B 333 19.31 -27.22 -21.12
N PHE B 334 19.97 -26.15 -20.72
CA PHE B 334 19.35 -24.85 -20.56
C PHE B 334 20.00 -23.86 -21.52
N ALA B 335 19.19 -22.96 -22.08
CA ALA B 335 19.63 -22.10 -23.16
C ALA B 335 20.41 -20.89 -22.63
N SER B 336 21.00 -20.14 -23.54
CA SER B 336 21.75 -18.94 -23.21
C SER B 336 20.80 -17.80 -22.87
N VAL B 337 21.39 -16.66 -22.48
CA VAL B 337 20.62 -15.53 -21.96
C VAL B 337 20.27 -14.50 -23.02
N TYR B 338 20.57 -14.75 -24.29
CA TYR B 338 20.07 -13.93 -25.39
C TYR B 338 19.43 -14.78 -26.48
N ALA B 339 19.38 -16.08 -26.29
CA ALA B 339 18.76 -17.00 -27.24
C ALA B 339 17.61 -17.72 -26.55
N TRP B 340 16.73 -16.97 -25.89
CA TRP B 340 15.73 -17.60 -25.05
C TRP B 340 14.73 -18.47 -25.81
N ASN B 341 14.27 -19.52 -25.13
CA ASN B 341 13.22 -20.42 -25.59
C ASN B 341 11.94 -20.08 -24.84
N ARG B 342 10.86 -19.86 -25.58
CA ARG B 342 9.57 -19.57 -24.98
C ARG B 342 8.68 -20.79 -25.20
N LYS B 343 8.35 -21.49 -24.13
CA LYS B 343 7.46 -22.64 -24.21
C LYS B 343 6.02 -22.22 -23.93
N ARG B 344 5.10 -22.65 -24.79
CA ARG B 344 3.68 -22.44 -24.56
C ARG B 344 3.08 -23.70 -23.95
N ILE B 345 2.31 -23.52 -22.87
CA ILE B 345 1.69 -24.61 -22.14
C ILE B 345 0.20 -24.31 -22.06
N SER B 346 -0.62 -25.31 -22.40
CA SER B 346 -2.07 -25.20 -22.44
C SER B 346 -2.67 -26.60 -22.41
N ASN B 347 -3.97 -26.64 -22.11
CA ASN B 347 -4.77 -27.87 -22.19
C ASN B 347 -4.22 -28.97 -21.30
N CYS B 348 -3.62 -28.61 -20.17
CA CYS B 348 -2.97 -29.60 -19.32
C CYS B 348 -3.06 -29.17 -17.86
N VAL B 349 -2.96 -30.15 -16.97
CA VAL B 349 -2.98 -29.92 -15.53
C VAL B 349 -1.58 -29.62 -15.05
N ALA B 350 -1.46 -28.65 -14.15
CA ALA B 350 -0.18 -28.19 -13.64
C ALA B 350 -0.11 -28.42 -12.14
N ASP B 351 0.92 -29.13 -11.70
CA ASP B 351 1.14 -29.41 -10.28
C ASP B 351 2.26 -28.50 -9.78
N TYR B 352 1.87 -27.34 -9.25
CA TYR B 352 2.83 -26.34 -8.79
C TYR B 352 3.29 -26.58 -7.36
N SER B 353 2.44 -27.20 -6.53
CA SER B 353 2.83 -27.46 -5.15
C SER B 353 4.04 -28.36 -5.06
N VAL B 354 4.21 -29.28 -6.03
CA VAL B 354 5.36 -30.18 -6.01
C VAL B 354 6.65 -29.39 -6.05
N LEU B 355 6.74 -28.41 -6.97
CA LEU B 355 7.96 -27.60 -7.06
C LEU B 355 8.09 -26.69 -5.85
N TYR B 356 6.96 -26.22 -5.33
CA TYR B 356 6.98 -25.36 -4.12
C TYR B 356 7.38 -26.22 -2.91
N ASN B 357 7.21 -27.54 -3.02
CA ASN B 357 7.59 -28.46 -1.92
C ASN B 357 8.72 -29.37 -2.41
N SER B 358 9.38 -28.99 -3.51
CA SER B 358 10.52 -29.79 -4.04
C SER B 358 11.71 -29.66 -3.09
N ALA B 359 11.63 -28.76 -2.11
CA ALA B 359 12.74 -28.56 -1.15
C ALA B 359 14.04 -28.34 -1.92
N SER B 360 13.98 -27.59 -3.03
CA SER B 360 15.18 -27.32 -3.85
C SER B 360 15.17 -25.85 -4.30
N PHE B 361 14.09 -25.43 -4.98
CA PHE B 361 13.99 -24.04 -5.49
C PHE B 361 14.59 -23.05 -4.49
N SER B 362 15.65 -22.34 -4.91
CA SER B 362 16.26 -21.31 -4.03
C SER B 362 15.43 -20.02 -4.10
N THR B 363 14.86 -19.73 -5.27
CA THR B 363 14.13 -18.44 -5.44
C THR B 363 12.62 -18.71 -5.59
N PHE B 364 11.79 -17.80 -5.08
CA PHE B 364 10.33 -17.93 -5.18
C PHE B 364 9.76 -16.51 -5.22
N LYS B 365 9.59 -15.92 -6.40
CA LYS B 365 8.90 -14.62 -6.51
C LYS B 365 7.79 -14.66 -7.55
N CYS B 366 6.55 -14.72 -7.10
CA CYS B 366 5.38 -14.66 -7.96
C CYS B 366 4.75 -13.27 -7.86
N TYR B 367 4.19 -12.80 -8.97
CA TYR B 367 3.62 -11.47 -9.06
C TYR B 367 2.26 -11.57 -9.74
N GLY B 368 1.24 -11.00 -9.10
CA GLY B 368 -0.12 -11.02 -9.60
C GLY B 368 -0.95 -12.17 -9.06
N VAL B 369 -0.33 -13.33 -8.85
CA VAL B 369 -0.98 -14.50 -8.26
C VAL B 369 -0.05 -15.05 -7.19
N SER B 370 -0.60 -15.32 -6.02
CA SER B 370 0.22 -15.79 -4.91
C SER B 370 0.73 -17.19 -5.21
N PRO B 371 1.87 -17.60 -4.62
CA PRO B 371 2.40 -18.94 -4.93
C PRO B 371 1.43 -20.07 -4.63
N THR B 372 0.56 -19.92 -3.64
CA THR B 372 -0.35 -20.99 -3.27
C THR B 372 -1.66 -20.99 -4.04
N LYS B 373 -2.12 -19.85 -4.56
CA LYS B 373 -3.32 -19.86 -5.37
C LYS B 373 -3.01 -20.02 -6.86
N LEU B 374 -1.76 -20.28 -7.21
CA LEU B 374 -1.46 -20.87 -8.51
C LEU B 374 -2.14 -22.23 -8.64
N ASN B 375 -2.08 -23.04 -7.59
CA ASN B 375 -2.64 -24.39 -7.52
C ASN B 375 -4.16 -24.43 -7.32
N ASP B 376 -4.95 -23.35 -7.32
CA ASP B 376 -6.40 -23.48 -7.40
C ASP B 376 -7.02 -22.64 -8.49
N LEU B 377 -6.24 -21.82 -9.18
CA LEU B 377 -6.73 -21.03 -10.30
C LEU B 377 -6.37 -21.73 -11.61
N CYS B 378 -7.15 -21.44 -12.64
CA CYS B 378 -6.96 -22.02 -13.96
C CYS B 378 -6.60 -20.92 -14.95
N PHE B 379 -5.74 -21.25 -15.90
CA PHE B 379 -5.10 -20.22 -16.72
C PHE B 379 -5.24 -20.57 -18.20
N THR B 380 -5.36 -19.52 -19.02
CA THR B 380 -5.55 -19.71 -20.45
C THR B 380 -4.29 -20.17 -21.14
N ASN B 381 -3.14 -19.60 -20.75
CA ASN B 381 -1.88 -19.91 -21.40
C ASN B 381 -0.73 -19.64 -20.43
N VAL B 382 0.33 -20.44 -20.59
CA VAL B 382 1.57 -20.28 -19.86
C VAL B 382 2.70 -20.16 -20.86
N TYR B 383 3.62 -19.23 -20.64
CA TYR B 383 4.80 -19.11 -21.48
C TYR B 383 6.05 -19.08 -20.58
N ALA B 384 6.96 -20.01 -20.84
CA ALA B 384 8.04 -20.36 -19.93
C ALA B 384 9.39 -20.03 -20.55
N ASP B 385 10.32 -19.56 -19.71
CA ASP B 385 11.66 -19.18 -20.12
C ASP B 385 12.65 -19.67 -19.06
N SER B 386 13.46 -20.68 -19.37
CA SER B 386 14.31 -21.35 -18.38
C SER B 386 15.78 -21.33 -18.84
N PHE B 387 16.65 -20.72 -18.04
CA PHE B 387 18.04 -20.51 -18.45
C PHE B 387 18.95 -20.57 -17.21
N VAL B 388 20.22 -20.22 -17.40
CA VAL B 388 21.22 -20.26 -16.34
C VAL B 388 21.91 -18.90 -16.26
N ILE B 389 21.94 -18.33 -15.06
CA ILE B 389 22.51 -17.01 -14.82
C ILE B 389 23.33 -17.08 -13.53
N ARG B 390 24.27 -16.15 -13.38
CA ARG B 390 25.00 -16.07 -12.12
C ARG B 390 24.08 -15.59 -11.00
N GLY B 391 24.32 -16.10 -9.79
CA GLY B 391 23.43 -15.83 -8.68
C GLY B 391 23.38 -14.37 -8.30
N ASP B 392 24.52 -13.66 -8.44
CA ASP B 392 24.55 -12.25 -8.10
C ASP B 392 23.62 -11.43 -8.98
N GLU B 393 23.50 -11.80 -10.25
CA GLU B 393 22.69 -11.05 -11.20
C GLU B 393 21.21 -11.42 -11.16
N VAL B 394 20.82 -12.41 -10.36
CA VAL B 394 19.42 -12.79 -10.27
C VAL B 394 18.57 -11.65 -9.71
N ARG B 395 19.19 -10.74 -8.94
CA ARG B 395 18.45 -9.66 -8.30
C ARG B 395 17.90 -8.64 -9.29
N GLN B 396 18.30 -8.69 -10.55
CA GLN B 396 17.75 -7.83 -11.58
C GLN B 396 16.57 -8.45 -12.32
N ILE B 397 16.12 -9.63 -11.92
CA ILE B 397 15.01 -10.32 -12.58
C ILE B 397 13.75 -10.00 -11.78
N ALA B 398 13.07 -8.93 -12.16
CA ALA B 398 11.79 -8.55 -11.58
C ALA B 398 11.19 -7.43 -12.44
N PRO B 399 9.87 -7.27 -12.40
CA PRO B 399 9.25 -6.18 -13.18
C PRO B 399 9.77 -4.82 -12.77
N GLY B 400 9.98 -3.95 -13.76
CA GLY B 400 10.40 -2.60 -13.51
C GLY B 400 11.81 -2.43 -12.98
N GLN B 401 12.61 -3.50 -12.95
CA GLN B 401 13.96 -3.40 -12.43
C GLN B 401 14.94 -3.00 -13.53
N THR B 402 16.15 -2.66 -13.11
CA THR B 402 17.21 -2.19 -13.99
C THR B 402 18.42 -3.11 -13.87
N GLY B 403 19.42 -2.82 -14.69
CA GLY B 403 20.62 -3.64 -14.75
C GLY B 403 20.86 -4.19 -16.14
N LYS B 404 22.01 -4.86 -16.28
CA LYS B 404 22.42 -5.37 -17.59
C LYS B 404 21.38 -6.33 -18.15
N ILE B 405 20.92 -7.28 -17.35
CA ILE B 405 19.94 -8.23 -17.86
C ILE B 405 18.55 -7.61 -17.86
N ALA B 406 18.21 -6.85 -16.81
CA ALA B 406 16.88 -6.28 -16.71
C ALA B 406 16.59 -5.27 -17.81
N ASP B 407 17.62 -4.69 -18.41
CA ASP B 407 17.45 -3.70 -19.46
C ASP B 407 17.99 -4.14 -20.81
N TYR B 408 19.27 -4.52 -20.87
CA TYR B 408 19.85 -5.01 -22.12
C TYR B 408 19.18 -6.31 -22.56
N ASN B 409 19.09 -7.27 -21.67
CA ASN B 409 18.55 -8.58 -22.05
C ASN B 409 17.05 -8.55 -22.25
N TYR B 410 16.31 -8.33 -21.18
CA TYR B 410 14.89 -8.68 -21.16
C TYR B 410 14.23 -7.98 -19.99
N LYS B 411 13.11 -7.32 -20.25
CA LYS B 411 12.37 -6.58 -19.24
C LYS B 411 11.11 -7.33 -18.88
N LEU B 412 10.86 -7.48 -17.61
CA LEU B 412 9.51 -7.86 -17.21
C LEU B 412 8.65 -6.61 -17.12
N PRO B 413 7.47 -6.62 -17.75
CA PRO B 413 6.58 -5.45 -17.65
C PRO B 413 6.22 -5.19 -16.20
N ASP B 414 6.09 -3.91 -15.85
CA ASP B 414 5.97 -3.52 -14.44
C ASP B 414 4.76 -4.14 -13.77
N ASP B 415 3.76 -4.59 -14.53
CA ASP B 415 2.63 -5.34 -14.01
C ASP B 415 2.69 -6.80 -14.43
N PHE B 416 3.90 -7.37 -14.42
CA PHE B 416 4.09 -8.75 -14.86
C PHE B 416 3.35 -9.71 -13.96
N THR B 417 2.55 -10.59 -14.56
CA THR B 417 1.84 -11.64 -13.85
C THR B 417 2.55 -12.96 -14.16
N GLY B 418 3.20 -13.52 -13.16
CA GLY B 418 4.00 -14.71 -13.36
C GLY B 418 5.05 -14.81 -12.28
N CYS B 419 5.87 -15.85 -12.41
CA CYS B 419 6.80 -16.22 -11.33
C CYS B 419 8.21 -16.37 -11.84
N VAL B 420 9.16 -15.85 -11.06
CA VAL B 420 10.58 -16.13 -11.22
C VAL B 420 10.96 -17.13 -10.12
N ILE B 421 11.30 -18.35 -10.55
CA ILE B 421 11.73 -19.41 -9.59
C ILE B 421 13.06 -19.96 -10.09
N ALA B 422 14.01 -20.24 -9.19
CA ALA B 422 15.35 -20.65 -9.65
C ALA B 422 16.06 -21.58 -8.66
N TRP B 423 17.00 -22.37 -9.16
CA TRP B 423 17.81 -23.25 -8.27
C TRP B 423 19.23 -23.36 -8.86
N ASN B 424 20.25 -23.02 -8.06
CA ASN B 424 21.66 -23.01 -8.57
C ASN B 424 21.98 -24.34 -9.26
N SER B 425 22.67 -24.29 -10.41
CA SER B 425 23.09 -25.52 -11.13
C SER B 425 24.62 -25.59 -11.13
N ASN B 426 25.23 -25.61 -9.95
CA ASN B 426 26.69 -25.59 -9.84
C ASN B 426 27.30 -26.85 -10.43
N ASN B 427 26.71 -28.00 -10.11
CA ASN B 427 27.18 -29.28 -10.64
C ASN B 427 26.50 -29.68 -11.94
N LEU B 428 25.62 -28.84 -12.48
CA LEU B 428 24.89 -29.13 -13.71
C LEU B 428 25.42 -28.39 -14.92
N ASP B 429 25.85 -27.14 -14.74
CA ASP B 429 26.20 -26.28 -15.87
C ASP B 429 27.56 -25.62 -15.74
N SER B 430 28.35 -25.96 -14.71
CA SER B 430 29.70 -25.44 -14.58
C SER B 430 30.72 -26.54 -14.82
N LYS B 431 31.73 -26.24 -15.63
CA LYS B 431 32.82 -27.17 -15.88
C LYS B 431 34.12 -26.62 -15.28
N VAL B 432 35.03 -27.54 -14.97
CA VAL B 432 36.27 -27.16 -14.31
C VAL B 432 37.09 -26.23 -15.18
N GLY B 433 37.12 -26.47 -16.49
CA GLY B 433 37.77 -25.57 -17.41
C GLY B 433 36.96 -24.36 -17.82
N GLY B 434 35.74 -24.23 -17.29
CA GLY B 434 34.88 -23.13 -17.63
C GLY B 434 33.85 -23.48 -18.68
N ASN B 435 32.58 -23.52 -18.28
CA ASN B 435 31.47 -23.68 -19.21
C ASN B 435 31.19 -22.30 -19.81
N TYR B 436 31.96 -21.95 -20.84
CA TYR B 436 31.86 -20.66 -21.48
C TYR B 436 30.74 -20.60 -22.51
N ASN B 437 29.83 -21.57 -22.50
CA ASN B 437 28.75 -21.61 -23.47
C ASN B 437 27.65 -20.61 -23.18
N TYR B 438 27.66 -19.95 -22.03
CA TYR B 438 26.70 -18.92 -21.70
C TYR B 438 27.29 -17.56 -22.05
N LEU B 439 26.65 -16.86 -22.97
CA LEU B 439 27.18 -15.64 -23.56
C LEU B 439 26.29 -14.47 -23.21
N TYR B 440 26.88 -13.37 -22.75
CA TYR B 440 26.18 -12.24 -22.17
C TYR B 440 26.67 -10.95 -22.81
N ARG B 441 25.74 -10.16 -23.35
CA ARG B 441 26.07 -8.87 -23.94
C ARG B 441 26.31 -7.82 -22.87
N LEU B 442 27.28 -6.95 -23.12
CA LEU B 442 27.55 -5.82 -22.25
C LEU B 442 27.08 -4.51 -22.83
N PHE B 443 26.85 -4.44 -24.14
CA PHE B 443 26.45 -3.21 -24.81
C PHE B 443 25.32 -3.49 -25.80
N ARG B 444 24.45 -2.49 -25.98
CA ARG B 444 23.41 -2.54 -26.99
C ARG B 444 23.18 -1.14 -27.54
N LYS B 445 22.60 -1.09 -28.74
CA LYS B 445 22.17 0.19 -29.28
C LYS B 445 21.01 0.77 -28.48
N SER B 446 20.14 -0.09 -27.95
CA SER B 446 19.05 0.34 -27.10
C SER B 446 18.62 -0.82 -26.22
N ASN B 447 18.04 -0.48 -25.07
CA ASN B 447 17.45 -1.50 -24.22
C ASN B 447 16.17 -2.03 -24.85
N LEU B 448 15.80 -3.25 -24.45
CA LEU B 448 14.69 -3.94 -25.08
C LEU B 448 13.38 -3.57 -24.40
N LYS B 449 12.27 -4.06 -24.92
CA LYS B 449 10.95 -3.85 -24.34
C LYS B 449 10.62 -4.99 -23.39
N PRO B 450 9.54 -4.88 -22.62
CA PRO B 450 9.09 -6.03 -21.84
C PRO B 450 8.88 -7.25 -22.73
N PHE B 451 9.54 -8.34 -22.37
CA PHE B 451 9.49 -9.60 -23.12
C PHE B 451 9.92 -9.42 -24.57
N GLU B 452 11.01 -8.68 -24.79
CA GLU B 452 11.56 -8.49 -26.12
C GLU B 452 12.79 -9.37 -26.30
N ARG B 453 12.82 -10.15 -27.37
CA ARG B 453 13.94 -11.03 -27.69
C ARG B 453 14.73 -10.46 -28.86
N ASP B 454 16.00 -10.16 -28.62
CA ASP B 454 16.93 -9.77 -29.67
C ASP B 454 18.06 -10.80 -29.72
N ILE B 455 18.18 -11.49 -30.84
CA ILE B 455 19.30 -12.39 -31.06
C ILE B 455 20.19 -11.84 -32.19
N SER B 456 20.03 -10.57 -32.51
CA SER B 456 20.90 -9.92 -33.49
C SER B 456 22.33 -9.88 -32.96
N THR B 457 23.29 -10.13 -33.86
CA THR B 457 24.68 -10.35 -33.45
C THR B 457 25.63 -9.35 -34.08
N GLU B 458 25.15 -8.21 -34.57
CA GLU B 458 26.01 -7.27 -35.26
C GLU B 458 27.07 -6.70 -34.31
N ILE B 459 28.28 -6.52 -34.83
CA ILE B 459 29.37 -6.00 -34.01
C ILE B 459 29.05 -4.55 -33.63
N TYR B 460 28.84 -4.32 -32.34
CA TYR B 460 28.45 -2.99 -31.87
C TYR B 460 29.54 -1.96 -32.15
N GLN B 461 29.10 -0.78 -32.55
CA GLN B 461 29.98 0.34 -32.85
C GLN B 461 30.10 1.18 -31.57
N ALA B 462 31.19 0.95 -30.82
CA ALA B 462 31.38 1.69 -29.58
C ALA B 462 31.61 3.17 -29.85
N GLY B 463 32.33 3.49 -30.93
CA GLY B 463 32.63 4.85 -31.29
C GLY B 463 31.86 5.30 -32.52
N SER B 464 32.31 6.41 -33.10
CA SER B 464 31.68 6.98 -34.29
C SER B 464 32.02 6.19 -35.55
N THR B 465 33.16 5.53 -35.59
CA THR B 465 33.58 4.80 -36.78
C THR B 465 32.74 3.55 -36.96
N PRO B 466 32.28 3.27 -38.18
CA PRO B 466 31.55 2.03 -38.44
C PRO B 466 32.46 0.81 -38.32
N CYS B 467 31.87 -0.32 -37.96
CA CYS B 467 32.62 -1.55 -37.79
C CYS B 467 32.59 -2.44 -39.04
N ASN B 468 31.55 -2.30 -39.87
CA ASN B 468 31.45 -3.06 -41.12
C ASN B 468 31.51 -4.57 -40.86
N GLY B 469 30.94 -4.99 -39.74
CA GLY B 469 31.06 -6.38 -39.34
C GLY B 469 32.45 -6.82 -38.99
N VAL B 470 33.35 -5.89 -38.70
CA VAL B 470 34.74 -6.19 -38.34
C VAL B 470 35.01 -5.59 -36.97
N GLU B 471 35.48 -6.42 -36.04
CA GLU B 471 35.87 -5.92 -34.73
C GLU B 471 37.20 -5.19 -34.79
N GLY B 472 37.53 -4.52 -33.69
CA GLY B 472 38.76 -3.76 -33.61
C GLY B 472 38.63 -2.56 -32.68
N PHE B 473 39.07 -1.40 -33.16
CA PHE B 473 38.97 -0.17 -32.37
C PHE B 473 37.51 0.25 -32.30
N ASN B 474 37.00 0.45 -31.08
CA ASN B 474 35.61 0.80 -30.84
C ASN B 474 34.65 -0.15 -31.54
N CYS B 475 35.09 -1.39 -31.75
CA CYS B 475 34.31 -2.40 -32.48
C CYS B 475 34.35 -3.68 -31.67
N TYR B 476 33.26 -3.95 -30.95
CA TYR B 476 33.22 -5.00 -29.95
C TYR B 476 32.16 -6.04 -30.30
N PHE B 477 32.45 -7.28 -29.96
CA PHE B 477 31.44 -8.32 -30.08
C PHE B 477 30.29 -8.07 -29.12
N PRO B 478 29.06 -8.46 -29.48
CA PRO B 478 27.95 -8.26 -28.54
C PRO B 478 28.16 -8.91 -27.19
N LEU B 479 28.38 -10.23 -27.16
CA LEU B 479 28.19 -11.00 -25.95
C LEU B 479 29.37 -11.92 -25.67
N GLN B 480 29.92 -11.78 -24.48
CA GLN B 480 31.12 -12.48 -24.03
C GLN B 480 30.75 -13.65 -23.12
N SER B 481 31.63 -14.63 -23.05
CA SER B 481 31.31 -15.86 -22.34
C SER B 481 31.43 -15.66 -20.84
N TYR B 482 30.94 -16.65 -20.09
CA TYR B 482 31.07 -16.73 -18.65
C TYR B 482 31.93 -17.94 -18.28
N GLY B 483 32.87 -17.72 -17.37
CA GLY B 483 33.70 -18.81 -16.89
C GLY B 483 32.99 -19.66 -15.86
N PHE B 484 31.88 -20.27 -16.25
CA PHE B 484 31.11 -21.09 -15.32
C PHE B 484 31.89 -22.31 -14.88
N GLN B 485 32.38 -22.27 -13.64
CA GLN B 485 33.20 -23.30 -13.04
C GLN B 485 32.63 -23.60 -11.66
N PRO B 486 32.85 -24.81 -11.14
CA PRO B 486 32.49 -25.07 -9.75
C PRO B 486 33.20 -24.15 -8.77
N THR B 487 34.37 -23.64 -9.16
CA THR B 487 35.15 -22.76 -8.29
C THR B 487 34.50 -21.40 -8.10
N ASN B 488 33.47 -21.06 -8.88
CA ASN B 488 32.83 -19.75 -8.75
C ASN B 488 32.18 -19.60 -7.38
N GLY B 489 32.14 -18.37 -6.90
CA GLY B 489 31.46 -18.06 -5.66
C GLY B 489 29.95 -18.12 -5.82
N VAL B 490 29.26 -17.93 -4.69
CA VAL B 490 27.81 -18.07 -4.65
C VAL B 490 27.16 -17.12 -5.65
N GLY B 491 27.64 -15.88 -5.73
CA GLY B 491 27.07 -14.93 -6.67
C GLY B 491 27.32 -15.29 -8.12
N TYR B 492 28.50 -15.83 -8.42
CA TYR B 492 28.87 -16.17 -9.79
C TYR B 492 28.57 -17.62 -10.15
N GLN B 493 28.05 -18.41 -9.21
CA GLN B 493 27.75 -19.79 -9.50
C GLN B 493 26.57 -19.90 -10.47
N PRO B 494 26.47 -21.01 -11.20
CA PRO B 494 25.32 -21.18 -12.10
C PRO B 494 24.03 -21.34 -11.32
N TYR B 495 22.98 -20.68 -11.81
CA TYR B 495 21.65 -20.73 -11.22
C TYR B 495 20.66 -21.00 -12.34
N ARG B 496 19.87 -22.06 -12.22
CA ARG B 496 18.83 -22.37 -13.19
C ARG B 496 17.56 -21.63 -12.79
N VAL B 497 17.17 -20.67 -13.62
CA VAL B 497 16.12 -19.70 -13.32
C VAL B 497 15.03 -19.82 -14.38
N VAL B 498 13.77 -19.85 -13.93
CA VAL B 498 12.62 -19.99 -14.80
C VAL B 498 11.69 -18.81 -14.57
N VAL B 499 11.36 -18.11 -15.65
CA VAL B 499 10.38 -17.03 -15.65
C VAL B 499 9.15 -17.53 -16.38
N LEU B 500 8.01 -17.50 -15.70
CA LEU B 500 6.76 -18.01 -16.23
C LEU B 500 5.77 -16.85 -16.31
N SER B 501 5.21 -16.64 -17.49
CA SER B 501 4.21 -15.60 -17.72
C SER B 501 2.85 -16.26 -17.94
N PHE B 502 1.86 -15.81 -17.17
CA PHE B 502 0.51 -16.36 -17.24
C PHE B 502 -0.39 -15.41 -18.00
N GLU B 503 -1.47 -15.96 -18.55
CA GLU B 503 -2.54 -15.13 -19.11
C GLU B 503 -3.92 -15.52 -18.58
N LEU B 504 -4.47 -14.67 -17.70
CA LEU B 504 -5.89 -14.71 -17.37
C LEU B 504 -6.57 -13.68 -18.27
N LEU B 505 -6.86 -14.09 -19.49
CA LEU B 505 -7.38 -13.20 -20.53
C LEU B 505 -8.84 -13.57 -20.84
N HIS B 506 -9.36 -12.96 -21.90
CA HIS B 506 -10.73 -13.23 -22.34
C HIS B 506 -10.76 -14.50 -23.17
N ALA B 507 -10.22 -15.59 -22.62
CA ALA B 507 -10.14 -16.88 -23.29
C ALA B 507 -10.47 -17.97 -22.28
N PRO B 508 -10.91 -19.13 -22.75
CA PRO B 508 -11.06 -20.27 -21.82
C PRO B 508 -9.73 -20.65 -21.20
N ALA B 509 -9.76 -20.94 -19.90
CA ALA B 509 -8.57 -21.38 -19.20
C ALA B 509 -8.17 -22.78 -19.68
N THR B 510 -6.92 -22.92 -20.11
CA THR B 510 -6.45 -24.19 -20.64
C THR B 510 -5.54 -24.94 -19.66
N VAL B 511 -4.77 -24.22 -18.84
CA VAL B 511 -3.96 -24.85 -17.79
C VAL B 511 -4.86 -24.87 -16.56
N CYS B 512 -5.60 -25.96 -16.41
CA CYS B 512 -6.63 -26.09 -15.39
C CYS B 512 -6.49 -27.46 -14.75
N GLY B 513 -7.47 -27.84 -13.92
CA GLY B 513 -7.46 -29.15 -13.32
C GLY B 513 -7.43 -29.23 -11.79
N PRO B 514 -6.60 -28.39 -11.10
CA PRO B 514 -6.43 -28.60 -9.65
C PRO B 514 -7.67 -28.36 -8.81
N LYS B 515 -8.84 -28.17 -9.43
CA LYS B 515 -10.09 -28.06 -8.69
C LYS B 515 -10.50 -29.45 -8.21
N LYS B 516 -9.94 -29.83 -7.07
CA LYS B 516 -10.22 -31.13 -6.47
C LYS B 516 -10.56 -31.00 -5.00
N ASN C 318 -37.77 32.35 -24.72
CA ASN C 318 -37.98 33.41 -25.71
C ASN C 318 -37.31 34.71 -25.21
N ILE C 319 -36.27 34.58 -24.39
CA ILE C 319 -35.50 35.70 -23.88
C ILE C 319 -34.03 35.46 -24.19
N THR C 320 -33.25 36.55 -24.25
CA THR C 320 -31.85 36.47 -24.64
C THR C 320 -30.87 36.93 -23.58
N ASN C 321 -31.27 37.84 -22.69
CA ASN C 321 -30.36 38.34 -21.66
C ASN C 321 -29.87 37.23 -20.76
N LEU C 322 -28.61 37.34 -20.32
CA LEU C 322 -27.95 36.31 -19.54
C LEU C 322 -28.08 36.58 -18.05
N CYS C 323 -27.93 35.51 -17.27
CA CYS C 323 -27.93 35.63 -15.82
C CYS C 323 -26.56 36.08 -15.32
N PRO C 324 -26.51 36.81 -14.20
CA PRO C 324 -25.25 37.43 -13.74
C PRO C 324 -24.36 36.48 -12.96
N PHE C 325 -23.96 35.37 -13.60
CA PHE C 325 -23.18 34.35 -12.91
C PHE C 325 -21.80 34.88 -12.51
N GLY C 326 -21.15 35.63 -13.39
CA GLY C 326 -19.88 36.21 -13.03
C GLY C 326 -20.01 37.18 -11.86
N GLU C 327 -20.99 38.08 -11.94
CA GLU C 327 -21.26 38.99 -10.84
C GLU C 327 -21.58 38.23 -9.56
N VAL C 328 -22.32 37.13 -9.68
CA VAL C 328 -22.57 36.28 -8.52
C VAL C 328 -21.27 35.76 -7.93
N PHE C 329 -20.36 35.30 -8.79
CA PHE C 329 -19.16 34.62 -8.32
C PHE C 329 -17.92 35.50 -8.33
N ASN C 330 -17.74 36.34 -9.33
CA ASN C 330 -16.58 37.23 -9.30
C ASN C 330 -16.79 38.41 -8.36
N ALA C 331 -17.84 38.37 -7.54
CA ALA C 331 -18.11 39.44 -6.59
C ALA C 331 -16.94 39.62 -5.63
N THR C 332 -16.62 40.88 -5.35
CA THR C 332 -15.48 41.18 -4.50
C THR C 332 -15.71 40.72 -3.06
N ARG C 333 -16.87 41.05 -2.51
CA ARG C 333 -17.15 40.85 -1.09
C ARG C 333 -18.27 39.85 -0.91
N PHE C 334 -18.11 38.98 0.09
CA PHE C 334 -19.10 37.99 0.48
C PHE C 334 -19.60 38.32 1.88
N ALA C 335 -20.74 37.75 2.24
CA ALA C 335 -21.28 38.01 3.56
C ALA C 335 -20.86 36.94 4.56
N SER C 336 -21.11 37.21 5.83
CA SER C 336 -20.83 36.25 6.88
C SER C 336 -21.85 35.12 6.84
N VAL C 337 -21.57 34.06 7.62
CA VAL C 337 -22.42 32.89 7.60
C VAL C 337 -23.80 33.19 8.18
N TYR C 338 -23.85 33.98 9.26
CA TYR C 338 -25.13 34.26 9.91
C TYR C 338 -26.03 35.12 9.03
N ALA C 339 -25.47 36.12 8.36
CA ALA C 339 -26.25 37.06 7.57
C ALA C 339 -26.39 36.62 6.12
N TRP C 340 -25.30 36.08 5.54
CA TRP C 340 -25.24 35.60 4.17
C TRP C 340 -25.82 36.59 3.15
N ASN C 341 -26.14 36.12 1.96
CA ASN C 341 -26.62 36.98 0.89
C ASN C 341 -27.71 36.22 0.14
N ARG C 342 -28.33 36.89 -0.82
CA ARG C 342 -29.42 36.25 -1.54
C ARG C 342 -29.61 36.96 -2.87
N LYS C 343 -30.15 36.23 -3.84
CA LYS C 343 -30.47 36.78 -5.15
C LYS C 343 -31.71 36.06 -5.66
N ARG C 344 -32.77 36.83 -5.91
CA ARG C 344 -33.90 36.39 -6.72
C ARG C 344 -33.53 36.58 -8.18
N ILE C 345 -33.31 35.48 -8.90
CA ILE C 345 -32.76 35.50 -10.25
C ILE C 345 -33.79 34.92 -11.20
N SER C 346 -34.10 35.67 -12.25
CA SER C 346 -35.10 35.30 -13.24
C SER C 346 -34.92 36.18 -14.47
N ASN C 347 -35.71 35.89 -15.50
CA ASN C 347 -35.69 36.66 -16.75
C ASN C 347 -34.29 36.75 -17.34
N CYS C 348 -33.59 35.62 -17.40
CA CYS C 348 -32.24 35.62 -17.94
C CYS C 348 -31.88 34.23 -18.43
N VAL C 349 -30.83 34.18 -19.23
CA VAL C 349 -30.31 32.92 -19.75
C VAL C 349 -29.25 32.41 -18.80
N ALA C 350 -29.22 31.09 -18.61
CA ALA C 350 -28.41 30.46 -17.57
C ALA C 350 -27.65 29.30 -18.18
N ASP C 351 -26.34 29.43 -18.29
CA ASP C 351 -25.50 28.43 -18.95
C ASP C 351 -24.78 27.63 -17.87
N TYR C 352 -25.08 26.34 -17.80
CA TYR C 352 -24.58 25.50 -16.72
C TYR C 352 -23.56 24.47 -17.19
N SER C 353 -23.65 23.99 -18.42
CA SER C 353 -22.51 23.30 -19.02
C SER C 353 -21.28 24.17 -18.92
N VAL C 354 -21.45 25.49 -19.06
CA VAL C 354 -20.38 26.44 -18.81
C VAL C 354 -19.85 26.30 -17.39
N LEU C 355 -20.75 26.28 -16.41
CA LEU C 355 -20.32 26.28 -15.02
C LEU C 355 -19.88 24.90 -14.55
N TYR C 356 -20.62 23.86 -14.95
CA TYR C 356 -20.37 22.53 -14.39
C TYR C 356 -18.97 22.03 -14.69
N ASN C 357 -18.42 22.35 -15.86
CA ASN C 357 -17.08 21.91 -16.23
C ASN C 357 -16.05 23.00 -15.96
N SER C 358 -16.37 23.92 -15.06
CA SER C 358 -15.46 25.01 -14.74
C SER C 358 -14.84 24.86 -13.36
N ALA C 359 -15.57 24.39 -12.36
CA ALA C 359 -15.00 23.90 -11.10
C ALA C 359 -14.01 24.86 -10.47
N SER C 360 -14.10 26.16 -10.78
CA SER C 360 -13.36 27.13 -10.01
C SER C 360 -14.06 27.20 -8.66
N PHE C 361 -14.11 26.05 -8.00
CA PHE C 361 -15.04 25.72 -6.93
C PHE C 361 -14.46 24.52 -6.20
N SER C 362 -14.95 24.29 -5.00
CA SER C 362 -14.58 23.09 -4.24
C SER C 362 -15.63 22.00 -4.35
N THR C 363 -16.89 22.31 -4.04
CA THR C 363 -17.94 21.30 -4.02
C THR C 363 -19.06 21.71 -4.97
N PHE C 364 -19.45 20.77 -5.84
CA PHE C 364 -20.74 20.77 -6.52
C PHE C 364 -21.54 19.66 -5.85
N LYS C 365 -22.40 20.02 -4.90
CA LYS C 365 -23.24 19.03 -4.22
C LYS C 365 -24.69 19.39 -4.52
N CYS C 366 -25.28 18.68 -5.47
CA CYS C 366 -26.57 19.03 -6.03
C CYS C 366 -27.61 18.04 -5.53
N TYR C 367 -28.68 18.55 -4.93
CA TYR C 367 -29.69 17.75 -4.25
C TYR C 367 -31.03 17.96 -4.95
N GLY C 368 -31.70 16.85 -5.25
CA GLY C 368 -32.93 16.89 -6.02
C GLY C 368 -32.73 17.14 -7.50
N VAL C 369 -31.48 17.21 -7.94
CA VAL C 369 -31.15 17.57 -9.32
C VAL C 369 -29.88 16.83 -9.73
N SER C 370 -29.74 16.59 -11.04
CA SER C 370 -28.56 15.97 -11.60
C SER C 370 -27.72 17.02 -12.32
N PRO C 371 -26.43 17.13 -11.98
CA PRO C 371 -25.62 18.23 -12.54
C PRO C 371 -25.53 18.23 -14.05
N THR C 372 -25.57 17.07 -14.68
CA THR C 372 -25.60 17.03 -16.14
C THR C 372 -26.87 17.65 -16.68
N LYS C 373 -27.99 17.46 -15.99
CA LYS C 373 -29.27 17.97 -16.44
C LYS C 373 -29.37 19.49 -16.37
N LEU C 374 -28.42 20.16 -15.69
CA LEU C 374 -28.63 21.56 -15.29
C LEU C 374 -28.87 22.47 -16.48
N ASN C 375 -27.95 22.49 -17.45
CA ASN C 375 -28.17 23.30 -18.64
C ASN C 375 -29.48 22.93 -19.33
N ASP C 376 -29.88 21.66 -19.25
CA ASP C 376 -31.14 21.21 -19.78
C ASP C 376 -32.33 21.80 -19.05
N LEU C 377 -32.16 22.21 -17.79
CA LEU C 377 -33.29 22.50 -16.92
C LEU C 377 -33.83 23.90 -17.16
N CYS C 378 -35.16 24.03 -17.07
CA CYS C 378 -35.85 25.31 -16.99
C CYS C 378 -36.29 25.54 -15.56
N PHE C 379 -36.04 26.73 -15.04
CA PHE C 379 -36.36 27.03 -13.65
C PHE C 379 -37.25 28.26 -13.56
N THR C 380 -38.24 28.19 -12.68
CA THR C 380 -39.15 29.32 -12.48
C THR C 380 -38.41 30.51 -11.89
N ASN C 381 -37.56 30.26 -10.91
CA ASN C 381 -36.79 31.31 -10.24
C ASN C 381 -35.61 30.65 -9.55
N VAL C 382 -34.61 31.46 -9.20
CA VAL C 382 -33.43 30.98 -8.50
C VAL C 382 -33.19 31.88 -7.29
N TYR C 383 -32.65 31.31 -6.22
CA TYR C 383 -32.25 32.11 -5.09
C TYR C 383 -30.81 31.77 -4.72
N ALA C 384 -30.01 32.81 -4.50
CA ALA C 384 -28.57 32.66 -4.33
C ALA C 384 -28.16 33.11 -2.94
N ASP C 385 -27.24 32.36 -2.33
CA ASP C 385 -26.75 32.64 -0.98
C ASP C 385 -25.23 32.60 -0.99
N SER C 386 -24.59 33.57 -0.32
CA SER C 386 -23.13 33.65 -0.32
C SER C 386 -22.60 33.88 1.10
N PHE C 387 -21.58 33.11 1.46
CA PHE C 387 -20.96 33.20 2.79
C PHE C 387 -19.71 32.33 2.82
N VAL C 388 -18.77 32.67 3.70
CA VAL C 388 -17.45 32.01 3.73
C VAL C 388 -17.30 31.21 5.03
N ILE C 389 -16.67 30.04 4.91
CA ILE C 389 -16.62 29.02 5.94
C ILE C 389 -15.19 28.46 6.02
N ARG C 390 -14.91 27.75 7.10
CA ARG C 390 -13.68 26.99 7.19
C ARG C 390 -13.89 25.55 6.70
N GLY C 391 -12.77 24.87 6.44
CA GLY C 391 -12.83 23.57 5.79
C GLY C 391 -13.46 22.47 6.64
N ASP C 392 -13.24 22.51 7.96
CA ASP C 392 -13.70 21.42 8.81
C ASP C 392 -15.22 21.25 8.74
N GLU C 393 -15.95 22.35 8.87
CA GLU C 393 -17.37 22.30 9.15
C GLU C 393 -18.26 22.42 7.92
N VAL C 394 -17.70 22.32 6.71
CA VAL C 394 -18.52 22.35 5.51
C VAL C 394 -19.51 21.18 5.49
N ARG C 395 -19.07 20.01 5.97
CA ARG C 395 -19.90 18.81 5.93
C ARG C 395 -21.23 19.00 6.65
N GLN C 396 -21.29 19.92 7.60
CA GLN C 396 -22.53 20.18 8.35
C GLN C 396 -23.65 20.69 7.47
N ILE C 397 -23.35 21.09 6.24
CA ILE C 397 -24.33 21.76 5.39
C ILE C 397 -25.16 20.70 4.67
N ALA C 398 -24.83 19.43 4.90
CA ALA C 398 -25.73 18.46 4.29
C ALA C 398 -27.06 18.39 5.05
N PRO C 399 -28.18 18.34 4.35
CA PRO C 399 -29.48 18.25 5.03
C PRO C 399 -29.62 16.93 5.76
N GLY C 400 -30.38 16.96 6.84
CA GLY C 400 -30.44 15.80 7.72
C GLY C 400 -29.21 15.63 8.58
N GLN C 401 -28.41 16.69 8.71
CA GLN C 401 -27.22 16.66 9.54
C GLN C 401 -27.21 17.89 10.43
N THR C 402 -26.57 17.77 11.59
CA THR C 402 -26.55 18.83 12.59
C THR C 402 -25.13 19.31 12.82
N GLY C 403 -24.98 20.60 13.08
CA GLY C 403 -23.70 21.21 13.40
C GLY C 403 -23.95 22.61 13.87
N LYS C 404 -22.94 23.17 14.54
CA LYS C 404 -23.11 24.50 15.13
C LYS C 404 -23.51 25.52 14.09
N ILE C 405 -23.12 25.32 12.84
CA ILE C 405 -23.74 26.07 11.74
C ILE C 405 -25.15 25.58 11.48
N ALA C 406 -25.30 24.27 11.25
CA ALA C 406 -26.61 23.71 10.94
C ALA C 406 -27.59 23.95 12.08
N ASP C 407 -27.08 24.17 13.29
CA ASP C 407 -27.93 24.50 14.42
C ASP C 407 -28.12 26.00 14.58
N TYR C 408 -27.03 26.77 14.61
CA TYR C 408 -27.08 28.14 15.08
C TYR C 408 -26.55 29.15 14.06
N ASN C 409 -26.35 28.75 12.80
CA ASN C 409 -26.04 29.71 11.76
C ASN C 409 -27.02 29.65 10.59
N TYR C 410 -27.37 28.44 10.13
CA TYR C 410 -28.24 28.29 8.97
C TYR C 410 -28.80 26.88 8.97
N LYS C 411 -30.12 26.76 8.80
CA LYS C 411 -30.79 25.47 8.70
C LYS C 411 -31.12 25.18 7.24
N LEU C 412 -30.88 23.94 6.82
CA LEU C 412 -31.19 23.53 5.45
C LEU C 412 -32.35 22.54 5.45
N PRO C 413 -33.38 22.78 4.66
CA PRO C 413 -34.47 21.80 4.57
C PRO C 413 -33.99 20.52 3.89
N ASP C 414 -34.49 19.38 4.37
CA ASP C 414 -34.11 18.11 3.78
C ASP C 414 -34.62 17.97 2.36
N ASP C 415 -35.82 18.47 2.09
CA ASP C 415 -36.39 18.42 0.74
C ASP C 415 -35.84 19.56 -0.11
N PHE C 416 -34.51 19.64 -0.14
CA PHE C 416 -33.85 20.74 -0.82
C PHE C 416 -33.59 20.38 -2.27
N THR C 417 -34.14 21.19 -3.16
CA THR C 417 -33.85 21.11 -4.59
C THR C 417 -32.95 22.28 -4.93
N GLY C 418 -31.80 22.00 -5.53
CA GLY C 418 -30.81 23.01 -5.76
C GLY C 418 -29.44 22.41 -5.64
N CYS C 419 -28.43 23.25 -5.52
CA CYS C 419 -27.06 22.76 -5.43
C CYS C 419 -26.22 23.72 -4.59
N VAL C 420 -25.49 23.17 -3.63
CA VAL C 420 -24.48 23.98 -2.94
C VAL C 420 -23.18 23.92 -3.71
N ILE C 421 -22.52 25.07 -3.81
CA ILE C 421 -21.23 25.18 -4.48
C ILE C 421 -20.28 25.87 -3.50
N ALA C 422 -19.06 25.36 -3.41
CA ALA C 422 -18.10 25.91 -2.46
C ALA C 422 -16.72 25.93 -3.10
N TRP C 423 -15.82 26.74 -2.52
CA TRP C 423 -14.44 26.83 -3.00
C TRP C 423 -13.58 27.54 -1.98
N ASN C 424 -12.40 26.99 -1.72
CA ASN C 424 -11.43 27.66 -0.87
C ASN C 424 -11.03 29.00 -1.48
N SER C 425 -11.04 30.05 -0.67
CA SER C 425 -10.58 31.37 -1.08
C SER C 425 -9.60 31.86 -0.03
N ASN C 426 -8.35 31.42 -0.13
CA ASN C 426 -7.35 31.76 0.88
C ASN C 426 -6.56 33.00 0.47
N ASN C 427 -5.99 32.99 -0.73
CA ASN C 427 -5.31 34.17 -1.24
C ASN C 427 -6.22 35.39 -1.33
N LEU C 428 -7.54 35.19 -1.38
CA LEU C 428 -8.50 36.28 -1.38
C LEU C 428 -8.95 36.67 0.02
N ASP C 429 -9.34 35.69 0.84
CA ASP C 429 -9.99 35.98 2.10
C ASP C 429 -9.15 35.68 3.34
N SER C 430 -7.99 35.05 3.19
CA SER C 430 -7.07 34.91 4.31
C SER C 430 -6.00 35.99 4.25
N LYS C 431 -5.79 36.68 5.37
CA LYS C 431 -4.65 37.57 5.54
C LYS C 431 -3.90 37.17 6.79
N VAL C 432 -2.58 37.40 6.77
CA VAL C 432 -1.72 36.96 7.86
C VAL C 432 -2.16 37.56 9.19
N GLY C 433 -2.58 38.82 9.17
CA GLY C 433 -3.08 39.44 10.39
C GLY C 433 -4.47 38.97 10.80
N GLY C 434 -5.13 38.18 9.96
CA GLY C 434 -6.45 37.68 10.29
C GLY C 434 -7.59 38.51 9.75
N ASN C 435 -8.64 37.84 9.29
CA ASN C 435 -9.84 38.50 8.78
C ASN C 435 -10.97 38.24 9.77
N TYR C 436 -11.13 39.15 10.73
CA TYR C 436 -12.11 39.01 11.79
C TYR C 436 -13.40 39.76 11.50
N ASN C 437 -13.60 40.21 10.26
CA ASN C 437 -14.85 40.82 9.87
C ASN C 437 -15.93 39.78 9.60
N TYR C 438 -15.58 38.50 9.63
CA TYR C 438 -16.50 37.42 9.31
C TYR C 438 -16.91 36.71 10.60
N LEU C 439 -18.21 36.58 10.81
CA LEU C 439 -18.74 36.29 12.13
C LEU C 439 -19.32 34.88 12.15
N TYR C 440 -19.37 34.29 13.33
CA TYR C 440 -19.72 32.87 13.47
C TYR C 440 -20.54 32.70 14.74
N ARG C 441 -21.83 32.41 14.59
CA ARG C 441 -22.74 32.37 15.72
C ARG C 441 -22.58 31.04 16.46
N LEU C 442 -22.41 31.11 17.77
CA LEU C 442 -22.33 29.92 18.60
C LEU C 442 -23.58 29.69 19.43
N PHE C 443 -24.21 30.77 19.90
CA PHE C 443 -25.29 30.69 20.85
C PHE C 443 -26.60 31.12 20.20
N ARG C 444 -27.66 30.37 20.50
CA ARG C 444 -29.03 30.75 20.18
C ARG C 444 -29.94 29.89 21.04
N LYS C 445 -31.09 30.46 21.42
CA LYS C 445 -32.01 29.73 22.29
C LYS C 445 -32.54 28.48 21.60
N SER C 446 -32.65 28.51 20.28
CA SER C 446 -33.09 27.35 19.51
C SER C 446 -32.45 27.39 18.14
N ASN C 447 -32.47 26.24 17.47
CA ASN C 447 -32.00 26.17 16.10
C ASN C 447 -32.98 26.87 15.17
N LEU C 448 -32.45 27.51 14.13
CA LEU C 448 -33.32 28.19 13.18
C LEU C 448 -34.09 27.18 12.33
N LYS C 449 -35.20 27.64 11.79
CA LYS C 449 -35.91 26.89 10.76
C LYS C 449 -35.14 26.99 9.45
N PRO C 450 -35.41 26.09 8.50
CA PRO C 450 -34.65 26.10 7.24
C PRO C 450 -34.72 27.44 6.54
N PHE C 451 -33.58 27.85 5.97
CA PHE C 451 -33.46 29.07 5.17
C PHE C 451 -33.84 30.31 6.00
N GLU C 452 -33.07 30.54 7.06
CA GLU C 452 -33.33 31.69 7.93
C GLU C 452 -32.04 32.42 8.27
N ARG C 453 -32.18 33.74 8.41
CA ARG C 453 -31.11 34.65 8.79
C ARG C 453 -31.37 35.16 10.21
N ASP C 454 -30.32 35.64 10.87
CA ASP C 454 -30.44 36.17 12.22
C ASP C 454 -29.38 37.26 12.41
N ILE C 455 -29.79 38.52 12.25
CA ILE C 455 -28.89 39.66 12.42
C ILE C 455 -29.05 40.27 13.82
N SER C 456 -29.58 39.50 14.77
CA SER C 456 -29.79 40.00 16.12
C SER C 456 -28.49 40.48 16.74
N THR C 457 -28.55 41.59 17.47
CA THR C 457 -27.40 42.19 18.11
C THR C 457 -27.47 42.10 19.63
N GLU C 458 -28.06 41.04 20.17
CA GLU C 458 -28.29 40.92 21.60
C GLU C 458 -27.34 39.93 22.24
N ILE C 459 -26.86 40.27 23.44
CA ILE C 459 -25.86 39.47 24.14
C ILE C 459 -26.53 38.24 24.74
N TYR C 460 -25.94 37.07 24.48
CA TYR C 460 -26.55 35.81 24.90
C TYR C 460 -26.29 35.53 26.37
N GLN C 461 -27.34 35.13 27.07
CA GLN C 461 -27.28 34.82 28.50
C GLN C 461 -27.11 33.32 28.66
N ALA C 462 -25.95 32.90 29.17
CA ALA C 462 -25.74 31.48 29.43
C ALA C 462 -26.57 31.00 30.60
N GLY C 463 -26.57 31.76 31.71
CA GLY C 463 -27.28 31.40 32.91
C GLY C 463 -28.43 32.33 33.19
N SER C 464 -28.84 32.34 34.46
CA SER C 464 -29.97 33.15 34.90
C SER C 464 -29.67 34.65 34.94
N THR C 465 -28.42 35.05 34.75
CA THR C 465 -28.05 36.46 34.86
C THR C 465 -28.71 37.25 33.74
N PRO C 466 -29.56 38.23 34.06
CA PRO C 466 -30.15 39.07 33.01
C PRO C 466 -29.11 40.09 32.51
N CYS C 467 -28.58 39.83 31.31
CA CYS C 467 -27.55 40.70 30.77
C CYS C 467 -28.10 42.08 30.43
N ASN C 468 -29.31 42.15 29.88
CA ASN C 468 -29.95 43.41 29.52
C ASN C 468 -29.07 44.23 28.59
N GLY C 469 -28.37 43.55 27.68
CA GLY C 469 -27.45 44.20 26.79
C GLY C 469 -26.08 44.50 27.36
N VAL C 470 -25.67 43.79 28.42
CA VAL C 470 -24.37 43.97 29.03
C VAL C 470 -23.65 42.63 29.04
N GLU C 471 -22.43 42.60 28.50
CA GLU C 471 -21.63 41.40 28.52
C GLU C 471 -21.01 41.17 29.90
N GLY C 472 -20.45 39.98 30.08
CA GLY C 472 -19.87 39.60 31.33
C GLY C 472 -20.15 38.13 31.61
N PHE C 473 -20.36 37.82 32.88
CA PHE C 473 -20.61 36.45 33.30
C PHE C 473 -21.98 36.00 32.82
N ASN C 474 -22.02 34.85 32.14
CA ASN C 474 -23.24 34.36 31.49
C ASN C 474 -23.82 35.41 30.57
N CYS C 475 -22.94 36.10 29.84
CA CYS C 475 -23.32 37.17 28.92
C CYS C 475 -22.35 37.10 27.75
N TYR C 476 -22.80 36.54 26.63
CA TYR C 476 -21.91 36.02 25.62
C TYR C 476 -21.97 36.82 24.32
N PHE C 477 -20.87 36.76 23.59
CA PHE C 477 -20.76 37.39 22.27
C PHE C 477 -21.52 36.55 21.26
N PRO C 478 -22.54 37.10 20.59
CA PRO C 478 -23.35 36.29 19.68
C PRO C 478 -22.55 35.65 18.56
N LEU C 479 -21.57 36.37 18.01
CA LEU C 479 -20.88 35.95 16.79
C LEU C 479 -19.38 36.11 17.03
N GLN C 480 -18.67 35.00 17.19
CA GLN C 480 -17.22 35.09 17.31
C GLN C 480 -16.61 35.40 15.96
N SER C 481 -15.61 36.28 15.96
CA SER C 481 -14.96 36.67 14.72
C SER C 481 -14.02 35.58 14.22
N TYR C 482 -14.09 35.29 12.92
CA TYR C 482 -13.23 34.30 12.32
C TYR C 482 -11.80 34.80 12.25
N GLY C 483 -10.86 33.91 12.56
CA GLY C 483 -9.45 34.19 12.37
C GLY C 483 -8.88 33.60 11.09
N PHE C 484 -9.19 34.19 9.93
CA PHE C 484 -8.70 33.66 8.66
C PHE C 484 -7.30 34.20 8.38
N GLN C 485 -6.32 33.31 8.41
CA GLN C 485 -4.95 33.58 7.99
C GLN C 485 -4.49 32.45 7.08
N PRO C 486 -3.46 32.69 6.26
CA PRO C 486 -2.80 31.56 5.59
C PRO C 486 -2.21 30.56 6.56
N THR C 487 -1.95 30.97 7.81
CA THR C 487 -1.55 30.03 8.85
C THR C 487 -2.62 28.98 9.12
N ASN C 488 -3.87 29.25 8.73
CA ASN C 488 -4.95 28.29 8.94
C ASN C 488 -4.70 27.02 8.16
N GLY C 489 -5.09 25.89 8.74
CA GLY C 489 -5.04 24.63 8.04
C GLY C 489 -6.15 24.54 7.01
N VAL C 490 -6.16 23.42 6.29
CA VAL C 490 -7.19 23.18 5.28
C VAL C 490 -8.58 23.27 5.90
N GLY C 491 -8.73 22.74 7.11
CA GLY C 491 -9.99 22.85 7.80
C GLY C 491 -10.27 24.19 8.44
N TYR C 492 -9.32 25.14 8.36
CA TYR C 492 -9.51 26.45 8.95
C TYR C 492 -9.38 27.58 7.93
N GLN C 493 -9.14 27.27 6.67
CA GLN C 493 -8.90 28.28 5.64
C GLN C 493 -10.23 28.90 5.21
N PRO C 494 -10.18 29.94 4.37
CA PRO C 494 -11.42 30.53 3.86
C PRO C 494 -11.96 29.82 2.63
N TYR C 495 -13.26 29.56 2.66
CA TYR C 495 -13.97 28.86 1.59
C TYR C 495 -15.25 29.65 1.33
N ARG C 496 -15.26 30.44 0.26
CA ARG C 496 -16.50 31.08 -0.16
C ARG C 496 -17.47 30.02 -0.67
N VAL C 497 -18.73 30.16 -0.31
CA VAL C 497 -19.76 29.17 -0.58
C VAL C 497 -20.99 29.91 -1.08
N VAL C 498 -21.49 29.50 -2.22
CA VAL C 498 -22.74 30.02 -2.76
C VAL C 498 -23.69 28.84 -2.90
N VAL C 499 -24.84 28.95 -2.27
CA VAL C 499 -25.88 27.94 -2.36
C VAL C 499 -26.91 28.43 -3.35
N LEU C 500 -27.28 27.59 -4.30
CA LEU C 500 -28.24 27.92 -5.33
C LEU C 500 -29.48 27.10 -5.02
N SER C 501 -30.45 27.72 -4.36
CA SER C 501 -31.71 27.08 -4.07
C SER C 501 -32.65 27.29 -5.24
N PHE C 502 -33.25 26.20 -5.70
CA PHE C 502 -34.22 26.27 -6.78
C PHE C 502 -35.53 25.70 -6.30
N GLU C 503 -36.62 26.18 -6.87
CA GLU C 503 -37.95 25.66 -6.59
C GLU C 503 -38.43 24.99 -7.88
N LEU C 504 -38.87 23.73 -7.77
CA LEU C 504 -39.39 23.00 -8.92
C LEU C 504 -40.91 23.11 -8.86
N LEU C 505 -41.44 24.21 -9.37
CA LEU C 505 -42.85 24.52 -9.25
C LEU C 505 -43.49 24.73 -10.61
N HIS C 506 -44.80 24.50 -10.64
CA HIS C 506 -45.61 24.60 -11.84
C HIS C 506 -45.89 26.07 -12.14
N ALA C 507 -44.89 26.76 -12.67
CA ALA C 507 -44.90 28.21 -12.79
C ALA C 507 -44.05 28.56 -13.99
N PRO C 508 -44.17 29.81 -14.52
CA PRO C 508 -43.32 30.18 -15.65
C PRO C 508 -41.84 29.98 -15.36
N ALA C 509 -41.22 29.07 -16.10
CA ALA C 509 -39.82 28.70 -15.89
C ALA C 509 -38.93 29.77 -16.51
N THR C 510 -38.61 30.79 -15.72
CA THR C 510 -37.91 31.97 -16.18
C THR C 510 -36.40 31.78 -16.33
N VAL C 511 -35.87 30.64 -15.93
CA VAL C 511 -34.42 30.47 -15.84
C VAL C 511 -34.04 29.30 -16.76
N CYS C 512 -34.75 29.18 -17.87
CA CYS C 512 -34.42 28.16 -18.86
C CYS C 512 -32.97 28.26 -19.29
N GLY C 513 -32.30 27.10 -19.36
CA GLY C 513 -30.92 27.05 -19.75
C GLY C 513 -30.73 27.16 -21.24
N PRO C 514 -29.52 26.85 -21.70
CA PRO C 514 -29.22 26.96 -23.14
C PRO C 514 -29.93 25.89 -23.95
N LYS C 515 -30.99 26.28 -24.65
CA LYS C 515 -31.80 25.37 -25.43
C LYS C 515 -32.42 26.11 -26.60
N LYS C 516 -33.06 25.37 -27.48
CA LYS C 516 -33.76 25.96 -28.62
C LYS C 516 -35.21 25.45 -28.72
N GLN D 1 -22.14 6.70 0.62
CA GLN D 1 -21.38 5.47 0.39
C GLN D 1 -20.17 5.73 -0.49
N VAL D 2 -19.82 7.00 -0.67
CA VAL D 2 -18.64 7.34 -1.46
C VAL D 2 -17.42 6.88 -0.68
N GLN D 3 -16.75 5.83 -1.16
CA GLN D 3 -15.61 5.27 -0.47
C GLN D 3 -14.46 5.07 -1.45
N LEU D 4 -13.32 5.67 -1.14
CA LEU D 4 -12.09 5.48 -1.89
C LEU D 4 -11.10 4.70 -1.03
N GLN D 5 -10.65 3.56 -1.53
CA GLN D 5 -9.74 2.69 -0.79
C GLN D 5 -8.41 2.57 -1.52
N GLU D 6 -7.34 3.04 -0.87
CA GLU D 6 -6.00 2.96 -1.43
C GLU D 6 -5.40 1.61 -1.06
N SER D 7 -4.74 0.97 -2.03
CA SER D 7 -4.10 -0.31 -1.78
C SER D 7 -2.87 -0.45 -2.67
N GLY D 8 -1.89 -1.20 -2.18
CA GLY D 8 -0.63 -1.37 -2.87
C GLY D 8 0.54 -0.61 -2.31
N GLY D 9 0.35 0.17 -1.24
CA GLY D 9 1.45 0.87 -0.62
C GLY D 9 2.21 0.00 0.34
N GLY D 10 3.43 0.45 0.66
CA GLY D 10 4.26 -0.30 1.59
C GLY D 10 5.73 0.04 1.40
N LEU D 11 6.57 -0.83 1.97
CA LEU D 11 8.02 -0.64 1.95
C LEU D 11 8.62 -1.21 0.68
N VAL D 12 9.41 -0.38 -0.01
CA VAL D 12 10.13 -0.81 -1.20
C VAL D 12 11.57 -0.30 -1.10
N GLN D 13 12.45 -0.95 -1.84
CA GLN D 13 13.86 -0.59 -1.83
C GLN D 13 14.11 0.58 -2.78
N PRO D 14 15.05 1.47 -2.45
CA PRO D 14 15.42 2.52 -3.42
C PRO D 14 15.87 1.92 -4.73
N GLY D 15 15.43 2.54 -5.83
CA GLY D 15 15.70 2.02 -7.15
C GLY D 15 14.70 1.00 -7.66
N GLY D 16 13.70 0.65 -6.86
CA GLY D 16 12.72 -0.35 -7.24
C GLY D 16 11.51 0.24 -7.94
N SER D 17 10.40 -0.48 -7.85
CA SER D 17 9.14 -0.04 -8.45
C SER D 17 7.98 -0.51 -7.60
N LEU D 18 6.84 0.16 -7.76
CA LEU D 18 5.65 -0.16 -6.98
C LEU D 18 4.42 0.33 -7.72
N ARG D 19 3.25 -0.13 -7.26
CA ARG D 19 1.98 0.28 -7.84
C ARG D 19 0.93 0.46 -6.77
N LEU D 20 0.16 1.53 -6.88
CA LEU D 20 -1.05 1.76 -6.10
C LEU D 20 -2.28 1.67 -6.98
N SER D 21 -3.37 1.19 -6.40
CA SER D 21 -4.70 1.37 -6.96
C SER D 21 -5.63 1.79 -5.83
N CYS D 22 -6.37 2.88 -6.01
CA CYS D 22 -7.47 3.14 -5.10
C CYS D 22 -8.77 2.91 -5.85
N ALA D 23 -9.66 2.15 -5.21
CA ALA D 23 -10.91 1.69 -5.77
C ALA D 23 -12.04 2.55 -5.24
N ALA D 24 -13.00 2.85 -6.11
CA ALA D 24 -14.15 3.68 -5.78
C ALA D 24 -15.38 2.80 -5.64
N SER D 25 -16.07 2.95 -4.52
CA SER D 25 -17.30 2.22 -4.26
C SER D 25 -18.40 3.21 -3.87
N GLY D 26 -19.62 2.93 -4.32
CA GLY D 26 -20.76 3.76 -4.02
C GLY D 26 -21.02 4.89 -5.00
N PHE D 27 -20.15 5.08 -5.99
CA PHE D 27 -20.29 6.22 -6.90
C PHE D 27 -19.51 5.93 -8.17
N THR D 28 -19.76 6.74 -9.18
CA THR D 28 -19.06 6.65 -10.46
C THR D 28 -17.87 7.60 -10.42
N LEU D 29 -16.69 7.06 -10.13
CA LEU D 29 -15.46 7.84 -10.19
C LEU D 29 -15.14 8.27 -11.62
N ASP D 30 -15.80 7.68 -12.62
CA ASP D 30 -15.53 8.03 -14.00
C ASP D 30 -15.77 9.50 -14.26
N TYR D 31 -16.86 10.04 -13.69
CA TYR D 31 -17.17 11.45 -13.81
C TYR D 31 -16.20 12.32 -13.04
N TYR D 32 -15.37 11.72 -12.19
CA TYR D 32 -14.46 12.44 -11.32
C TYR D 32 -13.04 12.43 -11.84
N ALA D 33 -12.39 13.58 -11.76
CA ALA D 33 -10.95 13.70 -11.88
C ALA D 33 -10.31 13.43 -10.53
N ILE D 34 -9.21 12.68 -10.54
CA ILE D 34 -8.61 12.16 -9.32
C ILE D 34 -7.21 12.74 -9.14
N GLY D 35 -6.95 13.31 -7.97
CA GLY D 35 -5.61 13.68 -7.60
C GLY D 35 -5.06 12.78 -6.52
N TRP D 36 -3.84 12.29 -6.75
CA TRP D 36 -3.05 11.57 -5.75
C TRP D 36 -2.14 12.54 -5.02
N PHE D 37 -2.24 12.51 -3.69
CA PHE D 37 -1.52 13.41 -2.80
C PHE D 37 -0.76 12.63 -1.76
N ARG D 38 0.16 13.33 -1.08
CA ARG D 38 1.18 12.76 -0.23
C ARG D 38 1.53 13.71 0.91
N GLN D 39 1.56 13.19 2.13
CA GLN D 39 2.17 13.92 3.23
C GLN D 39 3.14 12.99 3.95
N ALA D 40 4.34 13.45 4.17
CA ALA D 40 5.31 12.68 4.93
C ALA D 40 5.31 13.12 6.39
N PRO D 41 5.97 12.37 7.27
CA PRO D 41 6.18 12.87 8.63
C PRO D 41 6.81 14.25 8.62
N GLY D 42 6.06 15.24 9.10
CA GLY D 42 6.54 16.61 9.17
C GLY D 42 6.32 17.46 7.95
N LYS D 43 5.58 16.99 6.94
CA LYS D 43 5.24 17.83 5.80
C LYS D 43 3.77 17.69 5.44
N GLU D 44 3.27 18.72 4.78
CA GLU D 44 1.87 18.87 4.41
C GLU D 44 1.55 18.03 3.17
N ARG D 45 0.27 17.86 2.89
CA ARG D 45 -0.17 17.12 1.71
C ARG D 45 0.25 17.89 0.46
N GLU D 46 1.15 17.29 -0.31
CA GLU D 46 1.60 17.91 -1.56
C GLU D 46 0.80 17.36 -2.73
N GLY D 47 0.82 18.11 -3.82
CA GLY D 47 0.19 17.63 -5.03
C GLY D 47 1.12 16.73 -5.81
N VAL D 48 0.91 15.42 -5.70
CA VAL D 48 1.77 14.49 -6.43
C VAL D 48 1.34 14.42 -7.89
N SER D 49 0.06 14.11 -8.14
CA SER D 49 -0.37 14.04 -9.52
C SER D 49 -1.88 14.20 -9.58
N CYS D 50 -2.37 14.52 -10.78
CA CYS D 50 -3.79 14.72 -11.02
C CYS D 50 -4.15 14.24 -12.42
N ILE D 51 -5.28 13.56 -12.54
CA ILE D 51 -5.76 13.00 -13.80
C ILE D 51 -7.21 13.42 -13.96
N SER D 52 -7.64 13.58 -15.22
CA SER D 52 -8.98 14.09 -15.50
C SER D 52 -10.04 13.05 -15.15
N SER D 53 -11.30 13.44 -15.36
CA SER D 53 -12.40 12.49 -15.31
C SER D 53 -12.27 11.46 -16.42
N SER D 54 -11.90 11.89 -17.62
CA SER D 54 -11.73 11.00 -18.76
C SER D 54 -10.29 10.51 -18.93
N GLY D 55 -9.36 10.96 -18.09
CA GLY D 55 -7.98 10.54 -18.21
C GLY D 55 -7.16 11.32 -19.22
N GLY D 56 -7.69 12.41 -19.78
CA GLY D 56 -7.03 13.10 -20.87
C GLY D 56 -6.19 14.30 -20.51
N ARG D 57 -6.39 14.90 -19.34
CA ARG D 57 -5.65 16.09 -18.92
C ARG D 57 -4.99 15.78 -17.58
N THR D 58 -3.71 16.13 -17.46
CA THR D 58 -2.86 15.52 -16.44
C THR D 58 -1.98 16.55 -15.76
N ASN D 59 -1.42 16.13 -14.62
CA ASN D 59 -0.45 16.89 -13.86
C ASN D 59 0.42 15.92 -13.08
N TYR D 60 1.72 16.18 -13.04
CA TYR D 60 2.63 15.56 -12.10
C TYR D 60 3.41 16.65 -11.39
N ALA D 61 3.74 16.41 -10.12
CA ALA D 61 4.66 17.29 -9.43
C ALA D 61 6.03 17.21 -10.09
N ASP D 62 6.77 18.33 -10.05
CA ASP D 62 8.10 18.34 -10.65
C ASP D 62 9.00 17.28 -10.04
N SER D 63 8.79 16.94 -8.77
CA SER D 63 9.60 15.92 -8.11
C SER D 63 9.23 14.51 -8.55
N VAL D 64 8.02 14.30 -9.09
CA VAL D 64 7.57 12.97 -9.48
C VAL D 64 7.45 12.81 -10.98
N LYS D 65 7.60 13.88 -11.75
CA LYS D 65 7.56 13.79 -13.20
C LYS D 65 8.72 12.95 -13.71
N GLY D 66 8.44 12.11 -14.71
CA GLY D 66 9.45 11.27 -15.31
C GLY D 66 9.78 10.00 -14.56
N ARG D 67 9.17 9.78 -13.40
CA ARG D 67 9.42 8.57 -12.64
C ARG D 67 8.10 7.88 -12.29
N PHE D 68 7.05 8.68 -12.08
CA PHE D 68 5.76 8.15 -11.67
C PHE D 68 4.74 8.38 -12.77
N THR D 69 3.72 7.53 -12.81
CA THR D 69 2.73 7.53 -13.87
C THR D 69 1.36 7.32 -13.27
N ILE D 70 0.41 8.18 -13.63
CA ILE D 70 -0.98 7.98 -13.27
C ILE D 70 -1.68 7.28 -14.43
N SER D 71 -2.68 6.49 -14.10
CA SER D 71 -3.56 5.90 -15.10
C SER D 71 -4.87 5.57 -14.39
N ARG D 72 -5.89 5.29 -15.16
CA ARG D 72 -7.16 4.93 -14.55
C ARG D 72 -7.86 3.88 -15.38
N ASP D 73 -8.47 2.92 -14.71
CA ASP D 73 -9.34 1.92 -15.33
C ASP D 73 -10.76 2.40 -15.05
N ASN D 74 -11.30 3.17 -15.99
CA ASN D 74 -12.65 3.68 -15.87
C ASN D 74 -13.68 2.57 -15.92
N THR D 75 -13.42 1.53 -16.71
CA THR D 75 -14.33 0.38 -16.76
C THR D 75 -14.39 -0.31 -15.41
N LYS D 76 -13.25 -0.52 -14.78
CA LYS D 76 -13.16 -1.20 -13.50
C LYS D 76 -13.27 -0.22 -12.34
N ASN D 77 -13.39 1.08 -12.63
CA ASN D 77 -13.76 2.10 -11.65
C ASN D 77 -12.69 2.26 -10.58
N THR D 78 -11.41 2.27 -11.00
CA THR D 78 -10.29 2.46 -10.08
C THR D 78 -9.23 3.32 -10.73
N VAL D 79 -8.34 3.88 -9.91
CA VAL D 79 -7.23 4.67 -10.45
C VAL D 79 -5.92 4.11 -9.93
N TYR D 80 -4.98 3.91 -10.87
CA TYR D 80 -3.69 3.27 -10.65
C TYR D 80 -2.56 4.28 -10.74
N LEU D 81 -1.45 3.95 -10.08
CA LEU D 81 -0.29 4.83 -9.97
C LEU D 81 0.95 3.96 -9.93
N GLN D 82 1.77 4.03 -10.98
CA GLN D 82 3.00 3.26 -11.07
C GLN D 82 4.20 4.13 -10.70
N MET D 83 4.97 3.70 -9.71
CA MET D 83 6.16 4.40 -9.27
C MET D 83 7.39 3.64 -9.73
N ASN D 84 8.35 4.36 -10.31
CA ASN D 84 9.60 3.80 -10.76
C ASN D 84 10.75 4.66 -10.26
N SER D 85 11.90 4.03 -10.06
CA SER D 85 13.09 4.69 -9.49
C SER D 85 12.77 5.28 -8.12
N LEU D 86 12.43 4.40 -7.18
CA LEU D 86 12.07 4.82 -5.84
C LEU D 86 13.27 5.40 -5.10
N LYS D 87 13.00 6.40 -4.28
CA LYS D 87 14.00 7.05 -3.43
C LYS D 87 13.49 7.09 -2.00
N PRO D 88 14.40 7.08 -1.02
CA PRO D 88 13.97 7.04 0.39
C PRO D 88 13.09 8.21 0.81
N GLU D 89 13.14 9.33 0.08
CA GLU D 89 12.30 10.47 0.39
C GLU D 89 10.83 10.17 0.25
N ASP D 90 10.48 9.11 -0.46
CA ASP D 90 9.11 8.86 -0.89
C ASP D 90 8.28 8.21 0.22
N THR D 91 8.88 7.98 1.39
CA THR D 91 8.16 7.39 2.52
C THR D 91 7.14 8.41 3.03
N ALA D 92 5.86 8.14 2.82
CA ALA D 92 4.81 9.08 3.17
C ALA D 92 3.45 8.43 3.00
N VAL D 93 2.42 9.09 3.53
CA VAL D 93 1.05 8.63 3.46
C VAL D 93 0.38 9.25 2.24
N TYR D 94 -0.42 8.45 1.52
CA TYR D 94 -1.01 8.84 0.26
C TYR D 94 -2.53 8.85 0.35
N TYR D 95 -3.14 9.74 -0.42
CA TYR D 95 -4.59 9.80 -0.59
C TYR D 95 -4.92 10.02 -2.05
N CYS D 96 -6.11 9.60 -2.46
CA CYS D 96 -6.66 9.97 -3.75
C CYS D 96 -8.01 10.63 -3.54
N ALA D 97 -8.26 11.71 -4.28
CA ALA D 97 -9.47 12.50 -4.07
C ALA D 97 -10.00 12.96 -5.41
N ALA D 98 -11.25 13.43 -5.40
CA ALA D 98 -12.00 13.64 -6.62
C ALA D 98 -12.56 15.05 -6.72
N TRP D 99 -12.45 15.63 -7.90
CA TRP D 99 -13.04 16.92 -8.26
C TRP D 99 -13.12 16.99 -9.79
N GLU D 100 -13.75 18.05 -10.29
CA GLU D 100 -14.08 18.16 -11.70
C GLU D 100 -13.26 19.27 -12.37
N ALA D 101 -13.50 19.45 -13.67
CA ALA D 101 -12.62 20.27 -14.51
C ALA D 101 -12.52 21.70 -14.00
N SER D 102 -11.33 22.07 -13.51
CA SER D 102 -11.17 23.10 -12.49
C SER D 102 -10.96 24.52 -13.01
N ARG D 103 -10.92 24.75 -14.32
CA ARG D 103 -10.70 26.09 -14.83
C ARG D 103 -11.11 26.16 -16.30
N TRP D 104 -11.17 27.39 -16.82
CA TRP D 104 -11.02 27.57 -18.26
C TRP D 104 -9.60 27.19 -18.64
N TYR D 105 -9.48 26.39 -19.70
CA TYR D 105 -8.35 25.51 -20.02
C TYR D 105 -8.60 24.18 -19.33
N CYS D 106 -8.24 23.09 -19.97
CA CYS D 106 -8.56 21.77 -19.45
C CYS D 106 -7.70 21.35 -18.26
N PRO D 107 -6.35 21.32 -18.40
CA PRO D 107 -5.55 20.42 -17.55
C PRO D 107 -5.65 20.65 -16.04
N LEU D 108 -5.21 19.65 -15.29
CA LEU D 108 -5.27 19.63 -13.83
C LEU D 108 -3.93 20.03 -13.21
N GLN D 109 -3.15 20.85 -13.92
CA GLN D 109 -1.87 21.29 -13.39
C GLN D 109 -2.02 22.04 -12.07
N PHE D 110 -3.05 22.87 -11.97
CA PHE D 110 -3.29 23.62 -10.74
C PHE D 110 -3.86 22.73 -9.66
N SER D 111 -3.61 23.10 -8.40
CA SER D 111 -4.31 22.49 -7.29
C SER D 111 -5.79 22.92 -7.31
N ALA D 112 -6.61 22.18 -6.57
CA ALA D 112 -8.05 22.36 -6.60
C ALA D 112 -8.60 22.03 -5.23
N ASP D 113 -9.88 21.67 -5.16
CA ASP D 113 -10.35 21.01 -3.95
C ASP D 113 -10.47 19.51 -4.19
N PHE D 114 -10.56 18.76 -3.09
CA PHE D 114 -10.37 17.32 -3.09
C PHE D 114 -11.45 16.72 -2.18
N SER D 115 -12.59 16.38 -2.78
CA SER D 115 -13.79 16.09 -2.00
C SER D 115 -13.70 14.74 -1.32
N SER D 116 -13.59 13.66 -2.09
CA SER D 116 -13.62 12.31 -1.54
C SER D 116 -12.23 11.96 -1.02
N TRP D 117 -12.05 12.05 0.30
CA TRP D 117 -10.78 11.77 0.94
C TRP D 117 -10.75 10.31 1.39
N GLY D 118 -9.78 9.56 0.87
CA GLY D 118 -9.62 8.17 1.23
C GLY D 118 -8.85 8.00 2.53
N GLN D 119 -8.70 6.74 2.93
CA GLN D 119 -7.96 6.43 4.15
C GLN D 119 -6.47 6.74 4.00
N GLY D 120 -5.92 6.53 2.82
CA GLY D 120 -4.49 6.76 2.64
C GLY D 120 -3.68 5.51 2.93
N THR D 121 -2.49 5.45 2.32
CA THR D 121 -1.61 4.30 2.45
C THR D 121 -0.17 4.78 2.61
N GLN D 122 0.59 4.11 3.47
CA GLN D 122 1.96 4.50 3.73
C GLN D 122 2.89 3.77 2.78
N VAL D 123 3.64 4.54 1.98
CA VAL D 123 4.62 3.98 1.05
C VAL D 123 6.00 4.37 1.55
N THR D 124 6.79 3.38 1.92
CA THR D 124 8.09 3.57 2.56
C THR D 124 9.18 3.12 1.61
N VAL D 125 10.25 3.90 1.52
CA VAL D 125 11.43 3.52 0.75
C VAL D 125 12.64 3.66 1.66
N SER D 126 13.40 2.57 1.81
CA SER D 126 14.57 2.55 2.68
C SER D 126 15.42 1.31 2.45
N SER D 127 16.74 1.49 2.44
CA SER D 127 17.67 0.37 2.37
C SER D 127 19.04 0.75 2.91
N GLN E 1 -6.24 -1.79 40.62
CA GLN E 1 -4.86 -1.34 40.52
C GLN E 1 -3.89 -2.47 40.89
N VAL E 2 -3.79 -3.47 40.03
CA VAL E 2 -2.91 -4.60 40.28
C VAL E 2 -1.47 -4.15 40.13
N GLN E 3 -0.61 -4.54 41.08
CA GLN E 3 0.79 -4.17 41.09
C GLN E 3 1.65 -5.39 40.75
N LEU E 4 2.63 -5.19 39.87
CA LEU E 4 3.49 -6.26 39.38
C LEU E 4 4.90 -6.02 39.93
N GLN E 5 5.21 -6.62 41.06
CA GLN E 5 6.47 -6.37 41.77
C GLN E 5 7.60 -7.11 41.07
N GLU E 6 8.59 -6.37 40.59
CA GLU E 6 9.68 -6.92 39.80
C GLU E 6 11.00 -6.78 40.55
N SER E 7 11.80 -7.84 40.50
CA SER E 7 13.13 -7.82 41.11
C SER E 7 13.93 -9.00 40.57
N GLY E 8 15.25 -8.84 40.51
CA GLY E 8 16.13 -9.92 40.13
C GLY E 8 17.07 -9.61 38.99
N GLY E 9 17.23 -8.33 38.65
CA GLY E 9 18.13 -7.89 37.61
C GLY E 9 19.47 -7.43 38.15
N GLY E 10 20.23 -6.76 37.29
CA GLY E 10 21.52 -6.21 37.69
C GLY E 10 22.62 -6.38 36.66
N LEU E 11 23.86 -6.30 37.13
CA LEU E 11 25.04 -6.37 36.25
C LEU E 11 25.68 -7.74 36.43
N VAL E 12 25.87 -8.44 35.31
CA VAL E 12 26.43 -9.79 35.30
C VAL E 12 27.33 -9.92 34.07
N GLN E 13 28.45 -10.63 34.23
CA GLN E 13 29.37 -10.83 33.12
C GLN E 13 28.77 -11.78 32.08
N ALA E 14 29.46 -11.90 30.95
CA ALA E 14 29.01 -12.77 29.87
C ALA E 14 28.96 -14.23 30.34
N GLY E 15 27.85 -14.90 30.02
CA GLY E 15 27.67 -16.29 30.40
C GLY E 15 27.10 -16.51 31.78
N GLY E 16 26.82 -15.45 32.53
CA GLY E 16 26.31 -15.57 33.87
C GLY E 16 24.82 -15.87 33.90
N SER E 17 24.24 -15.76 35.09
CA SER E 17 22.85 -16.11 35.30
C SER E 17 22.22 -15.19 36.34
N LEU E 18 20.94 -14.88 36.14
CA LEU E 18 20.13 -14.13 37.08
C LEU E 18 18.76 -14.80 37.19
N ARG E 19 17.95 -14.32 38.15
CA ARG E 19 16.61 -14.87 38.37
C ARG E 19 15.65 -13.72 38.64
N LEU E 20 14.82 -13.41 37.65
CA LEU E 20 13.80 -12.38 37.77
C LEU E 20 12.53 -12.95 38.41
N SER E 21 11.64 -12.04 38.81
CA SER E 21 10.39 -12.42 39.45
C SER E 21 9.40 -11.28 39.31
N CYS E 22 8.14 -11.61 39.07
CA CYS E 22 7.07 -10.62 39.15
C CYS E 22 5.87 -11.23 39.85
N ALA E 23 5.20 -10.44 40.68
CA ALA E 23 4.09 -10.92 41.48
C ALA E 23 2.89 -10.00 41.28
N ALA E 24 1.73 -10.60 41.04
CA ALA E 24 0.49 -9.87 40.85
C ALA E 24 -0.27 -9.85 42.18
N SER E 25 -0.28 -8.70 42.84
CA SER E 25 -0.86 -8.55 44.16
C SER E 25 -2.29 -8.02 44.12
N GLY E 26 -2.86 -7.81 42.93
CA GLY E 26 -4.18 -7.26 42.79
C GLY E 26 -5.27 -8.32 42.74
N SER E 27 -6.38 -7.95 42.11
CA SER E 27 -7.56 -8.83 42.08
C SER E 27 -7.26 -10.10 41.30
N ILE E 28 -6.75 -9.97 40.07
CA ILE E 28 -6.49 -11.10 39.17
C ILE E 28 -7.75 -11.92 38.99
N PHE E 29 -8.72 -11.36 38.27
CA PHE E 29 -9.97 -12.04 37.99
C PHE E 29 -9.73 -13.30 37.16
N SER E 30 -10.34 -14.42 37.57
CA SER E 30 -10.36 -15.68 36.84
C SER E 30 -8.91 -16.14 36.66
N PRO E 31 -8.57 -17.02 35.71
CA PRO E 31 -7.14 -17.20 35.37
C PRO E 31 -6.54 -15.99 34.68
N ASN E 32 -5.23 -15.86 34.84
CA ASN E 32 -4.42 -14.79 34.25
C ASN E 32 -3.48 -15.35 33.19
N THR E 33 -2.60 -14.49 32.71
CA THR E 33 -1.51 -14.90 31.83
C THR E 33 -0.35 -13.94 32.09
N MET E 34 0.73 -14.46 32.66
CA MET E 34 1.82 -13.64 33.17
C MET E 34 2.98 -13.69 32.18
N GLY E 35 3.43 -12.52 31.72
CA GLY E 35 4.37 -12.45 30.62
C GLY E 35 5.57 -11.57 30.89
N TRP E 36 6.57 -11.71 30.02
CA TRP E 36 7.78 -10.89 29.97
C TRP E 36 7.97 -10.29 28.59
N PHE E 37 8.18 -8.98 28.54
CA PHE E 37 8.48 -8.26 27.31
C PHE E 37 9.82 -7.57 27.48
N ARG E 38 10.57 -7.42 26.38
CA ARG E 38 11.87 -6.76 26.44
C ARG E 38 11.83 -5.49 25.60
N GLN E 39 12.55 -4.47 26.04
CA GLN E 39 12.69 -3.24 25.27
C GLN E 39 14.08 -2.68 25.48
N ALA E 40 14.89 -2.67 24.43
CA ALA E 40 16.21 -2.08 24.46
C ALA E 40 16.12 -0.62 24.06
N LEU E 41 17.08 0.17 24.52
CA LEU E 41 17.09 1.60 24.23
C LEU E 41 17.10 1.84 22.72
N GLY E 42 16.06 2.51 22.22
CA GLY E 42 15.92 2.77 20.79
C GLY E 42 15.09 1.76 20.04
N LYS E 43 14.54 0.76 20.71
CA LYS E 43 13.82 -0.32 20.04
C LYS E 43 12.43 -0.43 20.68
N GLN E 44 11.54 -1.19 20.02
CA GLN E 44 10.16 -1.35 20.47
C GLN E 44 10.07 -2.55 21.41
N ARG E 45 8.84 -2.96 21.72
CA ARG E 45 8.59 -4.05 22.66
C ARG E 45 8.60 -5.40 21.95
N GLU E 46 9.39 -6.35 22.46
CA GLU E 46 9.40 -7.71 21.95
C GLU E 46 9.12 -8.69 23.09
N MET E 47 8.19 -9.62 22.85
CA MET E 47 7.73 -10.56 23.86
C MET E 47 8.73 -11.68 24.05
N VAL E 48 9.18 -11.86 25.31
CA VAL E 48 10.06 -12.98 25.64
C VAL E 48 9.26 -14.28 25.72
N ALA E 49 8.18 -14.28 26.49
CA ALA E 49 7.30 -15.43 26.63
C ALA E 49 5.99 -14.97 27.27
N VAL E 50 4.88 -15.52 26.78
CA VAL E 50 3.56 -15.11 27.23
C VAL E 50 2.90 -16.36 27.83
N ILE E 51 3.69 -17.11 28.61
CA ILE E 51 3.20 -18.32 29.25
C ILE E 51 1.97 -18.01 30.09
N SER E 52 0.99 -18.91 30.07
CA SER E 52 -0.20 -18.79 30.88
C SER E 52 -0.10 -19.68 32.11
N SER E 53 -1.04 -19.50 33.04
CA SER E 53 -1.07 -20.33 34.24
C SER E 53 -1.32 -21.79 33.90
N ILE E 54 -2.04 -22.05 32.81
CA ILE E 54 -2.41 -23.43 32.47
C ILE E 54 -1.39 -24.03 31.51
N ALA E 55 -1.29 -23.47 30.30
CA ALA E 55 -0.59 -24.13 29.21
C ALA E 55 -0.22 -23.10 28.14
N SER E 56 0.06 -23.58 26.93
CA SER E 56 0.26 -22.86 25.66
C SER E 56 1.67 -22.31 25.45
N THR E 57 2.63 -22.57 26.34
CA THR E 57 4.04 -22.29 26.08
C THR E 57 4.30 -20.83 25.70
N GLN E 58 4.34 -20.55 24.39
CA GLN E 58 4.56 -19.20 23.84
C GLN E 58 6.00 -18.73 24.04
N TYR E 59 6.96 -19.60 23.75
CA TYR E 59 8.37 -19.23 23.78
C TYR E 59 8.81 -18.68 22.43
N ALA E 60 9.65 -17.66 22.46
CA ALA E 60 10.18 -17.05 21.26
C ALA E 60 11.50 -17.69 20.85
N ASN E 61 11.93 -17.40 19.62
CA ASN E 61 13.17 -17.95 19.09
C ASN E 61 14.40 -17.12 19.42
N PHE E 62 14.22 -15.92 19.97
CA PHE E 62 15.36 -15.02 20.18
C PHE E 62 16.36 -15.63 21.17
N VAL E 63 15.86 -16.19 22.26
CA VAL E 63 16.73 -16.80 23.26
C VAL E 63 16.26 -18.25 23.41
N LYS E 64 15.80 -18.83 22.31
CA LYS E 64 15.30 -20.20 22.30
C LYS E 64 16.25 -21.18 22.99
N GLY E 65 15.76 -21.80 24.06
CA GLY E 65 16.52 -22.82 24.76
C GLY E 65 17.51 -22.34 25.80
N ARG E 66 17.47 -21.07 26.18
CA ARG E 66 18.36 -20.58 27.23
C ARG E 66 17.63 -20.04 28.45
N PHE E 67 16.49 -19.36 28.28
CA PHE E 67 15.70 -18.92 29.42
C PHE E 67 14.60 -19.94 29.74
N THR E 68 14.09 -19.86 30.96
CA THR E 68 13.05 -20.76 31.43
C THR E 68 12.13 -20.02 32.40
N ILE E 69 10.92 -20.56 32.57
CA ILE E 69 9.89 -19.96 33.39
C ILE E 69 9.32 -21.00 34.34
N THR E 70 9.13 -20.61 35.60
CA THR E 70 8.53 -21.47 36.63
C THR E 70 7.27 -20.81 37.19
N ARG E 71 6.23 -21.61 37.38
CA ARG E 71 4.99 -21.15 37.98
C ARG E 71 4.96 -21.54 39.46
N ASP E 72 4.57 -20.59 40.30
CA ASP E 72 4.27 -20.85 41.71
C ASP E 72 2.78 -20.56 41.92
N ASN E 73 1.97 -21.62 41.94
CA ASN E 73 0.53 -21.44 41.98
C ASN E 73 0.04 -21.02 43.35
N THR E 74 0.86 -21.22 44.39
CA THR E 74 0.45 -20.83 45.74
C THR E 74 0.27 -19.32 45.84
N LYS E 75 1.20 -18.55 45.29
CA LYS E 75 1.16 -17.10 45.33
C LYS E 75 0.94 -16.46 43.97
N ASN E 76 0.79 -17.27 42.92
CA ASN E 76 0.62 -16.80 41.54
C ASN E 76 1.77 -15.88 41.14
N THR E 77 2.97 -16.25 41.55
CA THR E 77 4.19 -15.57 41.10
C THR E 77 4.84 -16.40 40.01
N VAL E 78 5.63 -15.72 39.18
CA VAL E 78 6.30 -16.35 38.05
C VAL E 78 7.74 -15.88 38.03
N HIS E 79 8.67 -16.83 37.97
CA HIS E 79 10.10 -16.55 38.03
C HIS E 79 10.75 -16.91 36.70
N LEU E 80 11.58 -16.01 36.21
CA LEU E 80 12.24 -16.14 34.91
C LEU E 80 13.74 -16.33 35.17
N GLN E 81 14.23 -17.54 34.94
CA GLN E 81 15.65 -17.87 35.14
C GLN E 81 16.37 -17.73 33.80
N MET E 82 17.39 -16.89 33.76
CA MET E 82 18.18 -16.62 32.57
C MET E 82 19.56 -17.25 32.75
N ASN E 83 20.01 -18.02 31.76
CA ASN E 83 21.33 -18.63 31.79
C ASN E 83 22.05 -18.38 30.47
N SER E 84 23.39 -18.38 30.54
CA SER E 84 24.27 -18.17 29.39
C SER E 84 23.92 -16.85 28.67
N LEU E 85 24.12 -15.77 29.41
CA LEU E 85 23.72 -14.45 28.97
C LEU E 85 24.70 -13.88 27.94
N ILE E 86 24.17 -13.03 27.07
CA ILE E 86 24.98 -12.38 26.03
C ILE E 86 24.60 -10.91 25.95
N PRO E 87 25.51 -10.08 25.45
CA PRO E 87 25.22 -8.64 25.37
C PRO E 87 23.99 -8.31 24.53
N GLU E 88 23.67 -9.11 23.52
CA GLU E 88 22.50 -8.82 22.69
C GLU E 88 21.21 -8.95 23.48
N ASP E 89 21.13 -9.96 24.37
CA ASP E 89 19.90 -10.22 25.09
C ASP E 89 19.55 -9.12 26.10
N THR E 90 20.53 -8.30 26.48
CA THR E 90 20.35 -7.38 27.59
C THR E 90 19.43 -6.23 27.22
N ALA E 91 18.44 -5.99 28.08
CA ALA E 91 17.48 -4.90 27.92
C ALA E 91 16.72 -4.77 29.23
N VAL E 92 15.71 -3.91 29.22
CA VAL E 92 14.81 -3.74 30.36
C VAL E 92 13.57 -4.60 30.13
N TYR E 93 13.17 -5.35 31.14
CA TYR E 93 12.06 -6.28 31.05
C TYR E 93 10.95 -5.87 31.99
N TYR E 94 9.72 -5.93 31.48
CA TYR E 94 8.51 -5.66 32.26
C TYR E 94 7.72 -6.94 32.44
N CYS E 95 7.23 -7.16 33.66
CA CYS E 95 6.23 -8.19 33.86
C CYS E 95 4.92 -7.76 33.23
N TYR E 96 4.09 -8.75 32.93
CA TYR E 96 2.84 -8.55 32.21
C TYR E 96 1.75 -9.39 32.87
N ALA E 97 0.57 -8.80 33.01
CA ALA E 97 -0.59 -9.47 33.59
C ALA E 97 -1.77 -9.25 32.66
N VAL E 98 -2.17 -10.30 31.94
CA VAL E 98 -3.28 -10.19 31.00
C VAL E 98 -4.58 -9.93 31.74
N ASP E 99 -4.86 -10.72 32.77
CA ASP E 99 -6.08 -10.62 33.55
C ASP E 99 -7.29 -10.93 32.65
N LYS E 100 -8.50 -10.84 33.19
CA LYS E 100 -9.70 -11.07 32.43
C LYS E 100 -10.34 -9.79 31.91
N SER E 101 -10.11 -8.66 32.58
CA SER E 101 -10.67 -7.38 32.18
C SER E 101 -9.69 -6.56 31.34
N GLN E 102 -8.49 -6.33 31.86
CA GLN E 102 -7.53 -5.48 31.15
C GLN E 102 -6.12 -5.87 31.54
N ASP E 103 -5.15 -5.32 30.82
CA ASP E 103 -3.75 -5.66 30.98
C ASP E 103 -3.04 -4.62 31.85
N TYR E 104 -2.00 -5.07 32.56
CA TYR E 104 -1.14 -4.22 33.36
C TYR E 104 0.33 -4.49 33.04
N TRP E 105 1.21 -3.89 33.83
CA TRP E 105 2.61 -3.77 33.43
C TRP E 105 3.50 -3.75 34.66
N GLY E 106 4.77 -4.07 34.45
CA GLY E 106 5.78 -3.93 35.47
C GLY E 106 6.45 -2.57 35.39
N GLN E 107 7.34 -2.31 36.35
CA GLN E 107 8.02 -1.03 36.42
C GLN E 107 9.49 -1.10 36.03
N GLY E 108 10.03 -2.28 35.75
CA GLY E 108 11.35 -2.32 35.18
C GLY E 108 12.33 -3.14 36.02
N THR E 109 13.14 -3.94 35.32
CA THR E 109 14.27 -4.63 35.91
C THR E 109 15.40 -4.60 34.89
N GLN E 110 16.45 -3.85 35.19
CA GLN E 110 17.56 -3.66 34.26
C GLN E 110 18.39 -4.93 34.17
N VAL E 111 18.70 -5.33 32.94
CA VAL E 111 19.56 -6.48 32.67
C VAL E 111 20.70 -5.99 31.77
N THR E 112 21.93 -6.14 32.24
CA THR E 112 23.11 -5.72 31.50
C THR E 112 24.20 -6.78 31.63
N VAL E 113 24.76 -7.19 30.49
CA VAL E 113 25.78 -8.23 30.43
C VAL E 113 26.78 -7.83 29.36
N SER E 114 28.06 -7.79 29.73
CA SER E 114 29.12 -7.41 28.80
C SER E 114 30.44 -7.88 29.37
N SER E 115 31.48 -7.78 28.56
CA SER E 115 32.83 -8.16 28.97
C SER E 115 33.88 -7.34 28.25
N GLN F 1 16.84 -31.39 -30.66
CA GLN F 1 18.25 -31.70 -30.44
C GLN F 1 19.06 -31.48 -31.71
N VAL F 2 19.32 -30.21 -32.02
CA VAL F 2 20.08 -29.87 -33.22
C VAL F 2 21.51 -30.34 -33.05
N GLN F 3 22.01 -31.09 -34.03
CA GLN F 3 23.39 -31.57 -34.02
C GLN F 3 24.21 -30.89 -35.10
N LEU F 4 25.41 -30.44 -34.73
CA LEU F 4 26.32 -29.75 -35.65
C LEU F 4 27.56 -30.63 -35.85
N GLN F 5 27.65 -31.24 -37.03
CA GLN F 5 28.72 -32.19 -37.34
C GLN F 5 29.94 -31.42 -37.84
N GLU F 6 31.05 -31.56 -37.14
CA GLU F 6 32.25 -30.76 -37.38
C GLU F 6 33.37 -31.66 -37.89
N SER F 7 34.03 -31.22 -38.97
CA SER F 7 35.13 -31.97 -39.54
C SER F 7 35.95 -31.04 -40.42
N GLY F 8 37.23 -31.38 -40.57
CA GLY F 8 38.11 -30.64 -41.45
C GLY F 8 39.33 -30.06 -40.76
N GLY F 9 39.65 -30.57 -39.58
CA GLY F 9 40.82 -30.15 -38.85
C GLY F 9 41.98 -31.11 -39.01
N GLY F 10 42.98 -30.95 -38.15
CA GLY F 10 44.13 -31.84 -38.18
C GLY F 10 45.46 -31.15 -38.02
N LEU F 11 46.53 -31.82 -38.45
CA LEU F 11 47.89 -31.31 -38.30
C LEU F 11 48.39 -30.80 -39.64
N VAL F 12 48.80 -29.53 -39.68
CA VAL F 12 49.29 -28.88 -40.88
C VAL F 12 50.44 -27.96 -40.51
N GLN F 13 51.47 -27.90 -41.36
CA GLN F 13 52.62 -27.05 -41.09
C GLN F 13 52.27 -25.58 -41.29
N ALA F 14 53.21 -24.72 -40.90
CA ALA F 14 52.99 -23.28 -40.99
C ALA F 14 52.79 -22.84 -42.43
N GLY F 15 51.76 -22.02 -42.65
CA GLY F 15 51.45 -21.51 -43.98
C GLY F 15 50.51 -22.35 -44.80
N GLY F 16 50.09 -23.50 -44.29
CA GLY F 16 49.19 -24.38 -45.01
C GLY F 16 47.75 -23.94 -44.90
N SER F 17 46.85 -24.79 -45.41
CA SER F 17 45.44 -24.49 -45.42
C SER F 17 44.63 -25.77 -45.19
N LEU F 18 43.56 -25.64 -44.41
CA LEU F 18 42.59 -26.69 -44.18
C LEU F 18 41.21 -26.14 -44.49
N ARG F 19 40.20 -27.00 -44.37
CA ARG F 19 38.81 -26.62 -44.66
C ARG F 19 37.89 -27.27 -43.63
N LEU F 20 37.43 -26.49 -42.66
CA LEU F 20 36.47 -26.96 -41.67
C LEU F 20 35.05 -26.88 -42.22
N SER F 21 34.14 -27.59 -41.56
CA SER F 21 32.74 -27.60 -41.97
C SER F 21 31.88 -28.01 -40.78
N CYS F 22 30.77 -27.31 -40.59
CA CYS F 22 29.79 -27.69 -39.58
C CYS F 22 28.40 -27.67 -40.21
N ALA F 23 27.59 -28.67 -39.87
CA ALA F 23 26.27 -28.83 -40.46
C ALA F 23 25.23 -29.02 -39.37
N ALA F 24 24.20 -28.18 -39.38
CA ALA F 24 23.13 -28.25 -38.41
C ALA F 24 22.06 -29.20 -38.91
N SER F 25 21.97 -30.37 -38.28
CA SER F 25 21.05 -31.42 -38.70
C SER F 25 19.73 -31.39 -37.94
N GLY F 26 19.53 -30.43 -37.05
CA GLY F 26 18.34 -30.36 -36.23
C GLY F 26 17.23 -29.53 -36.86
N SER F 27 16.35 -29.03 -35.99
CA SER F 27 15.19 -28.30 -36.46
C SER F 27 15.58 -27.02 -37.21
N ILE F 28 16.38 -26.17 -36.56
CA ILE F 28 16.78 -24.87 -37.11
C ILE F 28 15.53 -24.09 -37.51
N PHE F 29 14.76 -23.65 -36.52
CA PHE F 29 13.56 -22.88 -36.78
C PHE F 29 13.89 -21.58 -37.49
N SER F 30 13.16 -21.29 -38.57
CA SER F 30 13.24 -20.05 -39.34
C SER F 30 14.68 -19.82 -39.79
N PRO F 31 15.12 -18.59 -40.10
CA PRO F 31 16.56 -18.37 -40.27
C PRO F 31 17.34 -18.58 -38.98
N ASN F 32 18.61 -18.95 -39.16
CA ASN F 32 19.57 -19.14 -38.08
C ASN F 32 20.74 -18.18 -38.28
N THR F 33 21.77 -18.35 -37.45
CA THR F 33 23.02 -17.62 -37.60
C THR F 33 24.14 -18.53 -37.12
N MET F 34 24.95 -19.02 -38.05
CA MET F 34 25.92 -20.07 -37.77
C MET F 34 27.30 -19.46 -37.60
N GLY F 35 27.96 -19.75 -36.46
CA GLY F 35 29.18 -19.08 -36.11
C GLY F 35 30.29 -20.05 -35.72
N TRP F 36 31.51 -19.53 -35.74
CA TRP F 36 32.71 -20.29 -35.41
C TRP F 36 33.44 -19.60 -34.28
N PHE F 37 33.95 -20.38 -33.33
CA PHE F 37 34.72 -19.85 -32.21
C PHE F 37 35.99 -20.66 -31.94
N ARG F 38 36.92 -19.99 -31.27
CA ARG F 38 38.26 -20.49 -30.99
C ARG F 38 38.45 -20.64 -29.49
N GLN F 39 39.14 -21.69 -29.06
CA GLN F 39 39.48 -21.83 -27.65
C GLN F 39 40.84 -22.51 -27.54
N ALA F 40 41.86 -21.74 -27.19
CA ALA F 40 43.17 -22.28 -26.89
C ALA F 40 43.23 -22.67 -25.42
N LEU F 41 44.04 -23.69 -25.11
CA LEU F 41 44.13 -24.21 -23.76
C LEU F 41 44.58 -23.12 -22.79
N GLY F 42 43.74 -22.79 -21.82
CA GLY F 42 44.04 -21.77 -20.83
C GLY F 42 43.43 -20.41 -21.09
N LYS F 43 42.54 -20.28 -22.06
CA LYS F 43 41.94 -18.99 -22.41
C LYS F 43 40.42 -19.11 -22.42
N GLN F 44 39.77 -18.03 -22.83
CA GLN F 44 38.32 -17.93 -22.89
C GLN F 44 37.81 -18.46 -24.23
N ARG F 45 36.55 -18.19 -24.52
CA ARG F 45 35.95 -18.55 -25.80
C ARG F 45 36.08 -17.37 -26.76
N GLU F 46 36.74 -17.57 -27.89
CA GLU F 46 37.09 -16.49 -28.81
C GLU F 46 36.40 -16.69 -30.15
N MET F 47 35.73 -15.65 -30.63
CA MET F 47 34.82 -15.73 -31.76
C MET F 47 35.59 -15.62 -33.07
N VAL F 48 35.33 -16.54 -34.02
CA VAL F 48 35.93 -16.45 -35.34
C VAL F 48 35.07 -15.57 -36.26
N ALA F 49 33.81 -15.97 -36.47
CA ALA F 49 32.92 -15.24 -37.36
C ALA F 49 31.49 -15.72 -37.14
N VAL F 50 30.55 -14.78 -37.11
CA VAL F 50 29.15 -15.06 -36.78
C VAL F 50 28.31 -14.61 -37.99
N ILE F 51 28.85 -14.82 -39.19
CA ILE F 51 28.07 -14.60 -40.41
C ILE F 51 26.72 -15.30 -40.31
N SER F 52 25.65 -14.54 -40.49
CA SER F 52 24.32 -15.10 -40.55
C SER F 52 24.06 -15.68 -41.95
N SER F 53 23.02 -16.49 -42.05
CA SER F 53 22.65 -17.05 -43.34
C SER F 53 22.38 -15.95 -44.36
N ILE F 54 21.81 -14.83 -43.91
CA ILE F 54 21.53 -13.72 -44.82
C ILE F 54 22.75 -12.83 -44.98
N ALA F 55 23.19 -12.20 -43.89
CA ALA F 55 24.17 -11.11 -43.98
C ALA F 55 24.84 -10.92 -42.62
N SER F 56 25.45 -9.75 -42.44
CA SER F 56 26.07 -9.19 -41.23
C SER F 56 27.51 -9.64 -40.99
N THR F 57 28.08 -10.51 -41.83
CA THR F 57 29.51 -10.80 -41.82
C THR F 57 30.02 -11.23 -40.45
N GLN F 58 30.29 -10.26 -39.58
CA GLN F 58 30.71 -10.50 -38.19
C GLN F 58 32.11 -11.13 -38.13
N TYR F 59 33.00 -10.69 -39.01
CA TYR F 59 34.39 -11.12 -38.96
C TYR F 59 35.13 -10.40 -37.85
N ALA F 60 36.15 -11.07 -37.31
CA ALA F 60 36.98 -10.47 -36.29
C ALA F 60 38.29 -9.95 -36.89
N ASN F 61 39.01 -9.15 -36.10
CA ASN F 61 40.26 -8.57 -36.53
C ASN F 61 41.46 -9.48 -36.33
N PHE F 62 41.27 -10.63 -35.67
CA PHE F 62 42.40 -11.48 -35.31
C PHE F 62 43.08 -12.04 -36.55
N VAL F 63 42.30 -12.63 -37.46
CA VAL F 63 42.84 -13.32 -38.63
C VAL F 63 42.23 -12.62 -39.84
N LYS F 64 42.03 -11.32 -39.72
CA LYS F 64 41.44 -10.48 -40.76
C LYS F 64 42.10 -10.70 -42.11
N GLY F 65 41.28 -10.94 -43.13
CA GLY F 65 41.75 -11.08 -44.49
C GLY F 65 42.33 -12.43 -44.83
N ARG F 66 42.24 -13.40 -43.95
CA ARG F 66 42.82 -14.72 -44.19
C ARG F 66 41.78 -15.83 -44.23
N PHE F 67 40.85 -15.85 -43.29
CA PHE F 67 39.81 -16.88 -43.27
C PHE F 67 38.61 -16.40 -44.06
N THR F 68 37.88 -17.37 -44.61
CA THR F 68 36.64 -17.09 -45.33
C THR F 68 35.61 -18.14 -44.97
N ILE F 69 34.35 -17.78 -45.14
CA ILE F 69 33.23 -18.67 -44.84
C ILE F 69 32.31 -18.72 -46.05
N THR F 70 31.94 -19.93 -46.46
CA THR F 70 30.99 -20.15 -47.53
C THR F 70 29.73 -20.79 -46.95
N ARG F 71 28.57 -20.27 -47.35
CA ARG F 71 27.29 -20.75 -46.87
C ARG F 71 26.63 -21.60 -47.95
N ASP F 72 26.23 -22.81 -47.58
CA ASP F 72 25.53 -23.71 -48.49
C ASP F 72 24.07 -23.76 -48.05
N ASN F 73 23.22 -23.01 -48.76
CA ASN F 73 21.82 -22.90 -48.35
C ASN F 73 21.04 -24.17 -48.64
N THR F 74 21.51 -24.98 -49.59
CA THR F 74 20.81 -26.22 -49.93
C THR F 74 20.76 -27.16 -48.72
N LYS F 75 21.88 -27.29 -48.02
CA LYS F 75 21.97 -28.15 -46.84
C LYS F 75 22.07 -27.35 -45.54
N ASN F 76 21.98 -26.03 -45.61
CA ASN F 76 22.11 -25.16 -44.44
C ASN F 76 23.42 -25.44 -43.70
N THR F 77 24.48 -25.62 -44.47
CA THR F 77 25.80 -25.89 -43.92
C THR F 77 26.71 -24.69 -44.10
N VAL F 78 27.67 -24.57 -43.20
CA VAL F 78 28.61 -23.44 -43.17
C VAL F 78 30.03 -23.99 -43.10
N HIS F 79 30.88 -23.51 -44.01
CA HIS F 79 32.18 -24.10 -44.27
C HIS F 79 33.26 -23.07 -43.98
N LEU F 80 34.28 -23.48 -43.22
CA LEU F 80 35.34 -22.58 -42.78
C LEU F 80 36.63 -22.97 -43.49
N GLN F 81 36.96 -22.23 -44.55
CA GLN F 81 38.24 -22.37 -45.24
C GLN F 81 39.22 -21.39 -44.62
N MET F 82 40.24 -21.92 -43.93
CA MET F 82 41.26 -21.10 -43.29
C MET F 82 42.59 -21.35 -44.00
N ASN F 83 43.24 -20.27 -44.42
CA ASN F 83 44.49 -20.31 -45.16
C ASN F 83 45.53 -19.45 -44.46
N SER F 84 46.80 -19.72 -44.76
CA SER F 84 47.95 -19.00 -44.18
C SER F 84 47.92 -19.11 -42.65
N LEU F 85 48.07 -20.34 -42.19
CA LEU F 85 47.95 -20.64 -40.77
C LEU F 85 49.26 -20.35 -40.03
N ILE F 86 49.10 -20.05 -38.74
CA ILE F 86 50.21 -19.61 -37.89
C ILE F 86 50.09 -20.27 -36.53
N PRO F 87 51.22 -20.68 -35.95
CA PRO F 87 51.16 -21.34 -34.62
C PRO F 87 50.33 -20.61 -33.57
N GLU F 88 50.04 -19.32 -33.77
CA GLU F 88 49.22 -18.61 -32.78
C GLU F 88 47.74 -18.90 -32.97
N ASP F 89 47.26 -18.90 -34.22
CA ASP F 89 45.82 -19.03 -34.46
C ASP F 89 45.30 -20.41 -34.10
N THR F 90 46.20 -21.36 -33.85
CA THR F 90 45.82 -22.73 -33.58
C THR F 90 45.09 -22.87 -32.25
N ALA F 91 43.98 -23.61 -32.28
CA ALA F 91 43.18 -23.92 -31.10
C ALA F 91 42.16 -24.97 -31.53
N VAL F 92 41.25 -25.32 -30.62
CA VAL F 92 40.16 -26.24 -30.90
C VAL F 92 38.93 -25.42 -31.23
N TYR F 93 38.27 -25.74 -32.35
CA TYR F 93 37.20 -24.92 -32.90
C TYR F 93 35.84 -25.60 -32.81
N TYR F 94 34.82 -24.80 -32.55
CA TYR F 94 33.46 -25.23 -32.32
C TYR F 94 32.48 -24.41 -33.15
N CYS F 95 31.60 -25.09 -33.87
CA CYS F 95 30.54 -24.43 -34.62
C CYS F 95 29.30 -24.23 -33.76
N TYR F 96 28.38 -23.40 -34.25
CA TYR F 96 27.36 -22.75 -33.42
C TYR F 96 26.09 -22.56 -34.24
N ALA F 97 24.93 -22.78 -33.62
CA ALA F 97 23.63 -22.67 -34.30
C ALA F 97 22.73 -21.74 -33.51
N VAL F 98 22.62 -20.48 -33.94
CA VAL F 98 21.77 -19.51 -33.25
C VAL F 98 20.32 -19.96 -33.29
N ASP F 99 19.84 -20.40 -34.44
CA ASP F 99 18.45 -20.82 -34.60
C ASP F 99 17.51 -19.65 -34.34
N LYS F 100 16.20 -19.92 -34.30
CA LYS F 100 15.26 -18.98 -33.73
C LYS F 100 15.12 -19.13 -32.23
N SER F 101 15.18 -20.37 -31.73
CA SER F 101 14.79 -20.67 -30.36
C SER F 101 15.98 -20.63 -29.40
N GLN F 102 16.99 -21.48 -29.59
CA GLN F 102 18.16 -21.44 -28.72
C GLN F 102 19.41 -21.73 -29.53
N ASP F 103 20.56 -21.53 -28.89
CA ASP F 103 21.85 -21.79 -29.49
C ASP F 103 22.46 -23.10 -28.99
N TYR F 104 23.09 -23.83 -29.89
CA TYR F 104 23.71 -25.11 -29.60
C TYR F 104 25.20 -25.05 -29.97
N TRP F 105 25.95 -26.08 -29.56
CA TRP F 105 27.39 -25.98 -29.48
C TRP F 105 28.00 -27.27 -30.06
N GLY F 106 29.13 -27.13 -30.74
CA GLY F 106 29.76 -28.24 -31.43
C GLY F 106 30.60 -29.10 -30.51
N GLN F 107 31.13 -30.19 -31.08
CA GLN F 107 31.91 -31.13 -30.29
C GLN F 107 33.41 -30.92 -30.40
N GLY F 108 33.86 -30.08 -31.32
CA GLY F 108 35.26 -29.68 -31.35
C GLY F 108 35.99 -30.19 -32.58
N THR F 109 36.92 -29.36 -33.07
CA THR F 109 37.84 -29.72 -34.14
C THR F 109 39.22 -29.17 -33.79
N GLN F 110 40.16 -30.07 -33.55
CA GLN F 110 41.52 -29.66 -33.21
C GLN F 110 42.22 -29.10 -34.44
N VAL F 111 42.84 -27.93 -34.28
CA VAL F 111 43.62 -27.28 -35.34
C VAL F 111 45.00 -27.01 -34.77
N THR F 112 46.02 -27.57 -35.42
CA THR F 112 47.40 -27.45 -34.94
C THR F 112 48.31 -27.10 -36.11
N VAL F 113 49.16 -26.09 -35.92
CA VAL F 113 50.07 -25.60 -36.94
C VAL F 113 51.35 -25.15 -36.25
N SER F 114 52.49 -25.62 -36.73
CA SER F 114 53.79 -25.27 -36.16
C SER F 114 54.87 -25.70 -37.14
N SER F 115 56.11 -25.34 -36.81
CA SER F 115 57.26 -25.70 -37.62
C SER F 115 58.52 -25.78 -36.76
#